data_5CVY
#
_entry.id   5CVY
#
_cell.length_a   98.041
_cell.length_b   98.041
_cell.length_c   218.956
_cell.angle_alpha   90.00
_cell.angle_beta   90.00
_cell.angle_gamma   90.00
#
_symmetry.space_group_name_H-M   'P 43 21 2'
#
loop_
_entity.id
_entity.type
_entity.pdbx_description
1 polymer 'Glycoside hydrolase'
2 branched beta-D-glucopyranose-(1-4)-beta-D-glucopyranose
3 branched beta-D-glucopyranose-(1-4)-beta-D-glucopyranose-(1-4)-beta-D-glucopyranose-(1-4)-beta-D-glucopyranose-(1-4)-beta-D-glucopyranose-(1-4)-beta-D-glucopyranose
4 non-polymer 'CALCIUM ION'
5 non-polymer 'MALONATE ION'
6 non-polymer 1,2-ETHANEDIOL
7 non-polymer GLYCEROL
8 non-polymer 'SODIUM ION'
9 water water
#
_entity_poly.entity_id   1
_entity_poly.type   'polypeptide(L)'
_entity_poly.pdbx_seq_one_letter_code
;MSNKERFLTLYHQIKSDANGYFSPEGIPYHSIETLICEAPDYGHMTTSEAYSYWLWLEVLYGHYTRDWSKLEAAWDNMEK
YIIPVNEDGNDEQPHMSAYNPSSPATYASEKPYPDQYPSQLSGARPAGQDPIDGELKSTYGTNETYLMHWLLDVDNWYKY
GNLLNPSHKAAYVNTFQRGQQESVWEAIPHPSQDDKSFGKPNEGFMSLFTKENQVPAAQWRYTNATDADARAIQAIYWAK
ELGYNNSTYLDKAKKMGDFLRYGMYDKYFQTIGSGKQGNPYPGNGKGACHYLMAWYTSWGGGLGDYANWSWRIGASHCHQ
GYQNPVAAYALSSDKGGLKPSSATGASDWEKTLKRQLEFYVWLQSKEGAIAGGATNSWNGDYSAYPAGRSTFYDMAYEDA
PVYHDPPSNNWFGMQAWPMERVAELYYIFVKDGDKTSENVQMAKSCITKWVNYALDYIFIGSRPVSDEEGYFLDDQGRRI
LGGTNATVATTSAPGEFWLPGNIAWSGQPDTWNGFQSATGNPNLTAVTKDPTQDTGVLGSLVKAFTFFAAATKLETGNYT
ALGVRAKDAAAQLLEVAWNYNDGVGIVTEEEREDYDRFFKKEVYFPNGWNGTFGQGNQIPGSSTIPSDPQRGGNGVYTSF
ADLRPNIKQDPAWSSLESKYQSSFNEATGKWENGAPVFTYHRFWSQVDMATAYAEYHRLINLEHHHHHH
;
_entity_poly.pdbx_strand_id   A
#
# COMPACT_ATOMS: atom_id res chain seq x y z
N SER A 2 -13.38 -29.35 0.00
CA SER A 2 -12.18 -29.35 -0.92
C SER A 2 -11.70 -27.92 -1.08
N ASN A 3 -10.46 -27.66 -0.71
CA ASN A 3 -9.90 -26.33 -0.85
C ASN A 3 -9.78 -25.89 -2.34
N LYS A 4 -9.48 -26.82 -3.21
CA LYS A 4 -9.45 -26.50 -4.64
C LYS A 4 -10.83 -26.07 -5.15
N GLU A 5 -11.88 -26.77 -4.73
N GLU A 5 -11.88 -26.81 -4.77
CA GLU A 5 -13.23 -26.42 -5.14
CA GLU A 5 -13.28 -26.46 -5.10
C GLU A 5 -13.68 -25.08 -4.55
C GLU A 5 -13.65 -25.09 -4.57
N ARG A 6 -13.31 -24.83 -3.30
CA ARG A 6 -13.58 -23.53 -2.68
C ARG A 6 -12.88 -22.36 -3.41
N PHE A 7 -11.62 -22.59 -3.80
CA PHE A 7 -10.87 -21.65 -4.63
C PHE A 7 -11.67 -21.38 -5.93
N LEU A 8 -12.04 -22.43 -6.64
CA LEU A 8 -12.75 -22.25 -7.94
C LEU A 8 -14.09 -21.56 -7.81
N THR A 9 -14.79 -21.85 -6.73
CA THR A 9 -16.05 -21.23 -6.47
C THR A 9 -15.90 -19.73 -6.30
N LEU A 10 -14.98 -19.33 -5.44
CA LEU A 10 -14.77 -17.91 -5.18
C LEU A 10 -14.19 -17.26 -6.41
N TYR A 11 -13.30 -17.94 -7.14
CA TYR A 11 -12.82 -17.39 -8.38
C TYR A 11 -14.00 -16.97 -9.27
N HIS A 12 -14.94 -17.90 -9.47
CA HIS A 12 -16.06 -17.61 -10.35
C HIS A 12 -16.97 -16.53 -9.77
N GLN A 13 -17.14 -16.47 -8.45
CA GLN A 13 -17.94 -15.35 -7.86
C GLN A 13 -17.30 -13.99 -8.18
N ILE A 14 -15.97 -13.93 -8.05
CA ILE A 14 -15.23 -12.70 -8.35
C ILE A 14 -15.37 -12.29 -9.85
N LYS A 15 -15.23 -13.26 -10.73
CA LYS A 15 -15.28 -13.02 -12.15
C LYS A 15 -16.69 -12.82 -12.83
N SER A 16 -17.74 -13.20 -12.14
CA SER A 16 -19.08 -13.25 -12.70
C SER A 16 -19.59 -11.84 -12.98
N ASP A 17 -20.00 -11.59 -14.22
CA ASP A 17 -20.66 -10.34 -14.63
C ASP A 17 -21.88 -10.05 -13.82
N ALA A 18 -22.54 -11.02 -13.23
CA ALA A 18 -23.63 -10.67 -12.34
C ALA A 18 -23.24 -9.97 -11.08
N ASN A 19 -21.99 -10.07 -10.59
CA ASN A 19 -21.69 -9.65 -9.24
C ASN A 19 -21.15 -8.21 -9.13
N GLY A 20 -20.65 -7.65 -10.20
CA GLY A 20 -20.23 -6.27 -10.18
C GLY A 20 -18.85 -5.96 -9.56
N TYR A 21 -17.95 -6.95 -9.44
CA TYR A 21 -16.61 -6.62 -9.00
C TYR A 21 -15.87 -5.89 -10.11
N PHE A 22 -16.28 -6.04 -11.36
CA PHE A 22 -15.61 -5.35 -12.44
C PHE A 22 -16.54 -4.39 -13.18
N SER A 23 -15.95 -3.35 -13.79
CA SER A 23 -16.68 -2.39 -14.57
C SER A 23 -17.02 -2.93 -15.95
N PRO A 24 -17.84 -2.21 -16.69
CA PRO A 24 -18.12 -2.68 -18.04
C PRO A 24 -16.89 -2.72 -18.95
N GLU A 25 -15.81 -2.08 -18.57
N GLU A 25 -15.87 -1.90 -18.63
CA GLU A 25 -14.66 -2.09 -19.39
CA GLU A 25 -14.56 -1.90 -19.28
C GLU A 25 -13.67 -3.13 -18.93
C GLU A 25 -13.71 -3.16 -18.99
N GLY A 26 -14.08 -3.96 -17.98
CA GLY A 26 -13.24 -5.07 -17.52
C GLY A 26 -12.22 -4.74 -16.44
N ILE A 27 -12.45 -3.65 -15.71
CA ILE A 27 -11.47 -3.10 -14.81
C ILE A 27 -12.03 -3.43 -13.43
N PRO A 28 -11.23 -4.08 -12.55
CA PRO A 28 -11.69 -4.36 -11.22
C PRO A 28 -11.88 -3.06 -10.39
N TYR A 29 -12.95 -2.97 -9.65
CA TYR A 29 -13.16 -1.85 -8.75
C TYR A 29 -12.47 -2.14 -7.40
N HIS A 30 -12.28 -1.12 -6.58
CA HIS A 30 -11.86 -1.33 -5.21
C HIS A 30 -12.83 -2.23 -4.46
N SER A 31 -14.11 -1.96 -4.61
CA SER A 31 -15.18 -2.75 -3.96
C SER A 31 -16.48 -2.69 -4.75
N ILE A 32 -17.39 -3.63 -4.49
CA ILE A 32 -18.68 -3.65 -5.22
C ILE A 32 -19.47 -2.39 -4.83
N GLU A 33 -19.51 -2.14 -3.55
CA GLU A 33 -20.16 -1.01 -3.00
C GLU A 33 -19.41 0.30 -3.31
N THR A 34 -20.18 1.38 -3.50
CA THR A 34 -19.62 2.67 -3.84
C THR A 34 -19.30 3.51 -2.61
N LEU A 35 -20.16 3.47 -1.60
N LEU A 35 -20.19 3.49 -1.61
CA LEU A 35 -20.01 4.31 -0.45
CA LEU A 35 -20.02 4.33 -0.42
C LEU A 35 -19.07 3.62 0.53
C LEU A 35 -19.08 3.66 0.56
N ILE A 36 -17.80 4.03 0.45
CA ILE A 36 -16.72 3.52 1.28
C ILE A 36 -15.53 4.48 1.10
N CYS A 37 -14.79 4.66 2.15
CA CYS A 37 -13.65 5.52 2.15
C CYS A 37 -12.62 4.94 3.16
N GLU A 38 -11.42 4.68 2.65
CA GLU A 38 -10.33 4.13 3.45
C GLU A 38 -8.89 4.43 2.92
N ALA A 39 -8.71 4.36 1.62
CA ALA A 39 -7.49 4.80 0.96
C ALA A 39 -7.86 5.35 -0.39
N PRO A 40 -8.49 4.54 -1.30
CA PRO A 40 -9.36 5.25 -2.22
C PRO A 40 -10.52 5.84 -1.38
N ASP A 41 -11.11 6.88 -1.92
CA ASP A 41 -12.21 7.61 -1.23
C ASP A 41 -13.60 7.36 -1.83
N TYR A 42 -13.72 6.33 -2.67
CA TYR A 42 -14.99 6.00 -3.37
C TYR A 42 -14.77 4.57 -3.87
N GLY A 43 -15.78 3.72 -3.72
CA GLY A 43 -15.60 2.27 -3.97
C GLY A 43 -15.36 1.90 -5.43
N HIS A 44 -15.77 2.77 -6.35
CA HIS A 44 -15.56 2.49 -7.78
C HIS A 44 -14.43 3.29 -8.35
N MET A 45 -13.57 3.82 -7.47
CA MET A 45 -12.17 4.02 -7.87
C MET A 45 -11.60 2.60 -8.00
N THR A 46 -10.43 2.49 -8.59
CA THR A 46 -9.61 1.32 -8.39
C THR A 46 -8.16 1.77 -8.17
N THR A 47 -7.34 0.79 -7.80
CA THR A 47 -5.98 1.07 -7.40
C THR A 47 -5.05 0.12 -8.13
N SER A 48 -3.77 0.48 -8.17
CA SER A 48 -2.78 -0.47 -8.61
C SER A 48 -2.74 -1.71 -7.70
N GLU A 49 -3.05 -1.53 -6.42
N GLU A 49 -3.08 -1.62 -6.42
CA GLU A 49 -3.27 -2.65 -5.51
CA GLU A 49 -3.14 -2.87 -5.63
C GLU A 49 -4.19 -3.72 -6.07
C GLU A 49 -4.20 -3.81 -6.16
N ALA A 50 -5.40 -3.28 -6.44
CA ALA A 50 -6.42 -4.15 -6.97
C ALA A 50 -5.97 -4.87 -8.27
N TYR A 51 -5.28 -4.16 -9.14
CA TYR A 51 -4.73 -4.80 -10.33
C TYR A 51 -3.75 -5.85 -9.99
N SER A 52 -2.89 -5.59 -9.02
CA SER A 52 -1.87 -6.58 -8.67
C SER A 52 -2.51 -7.85 -8.10
N TYR A 53 -3.58 -7.66 -7.32
CA TYR A 53 -4.29 -8.81 -6.81
C TYR A 53 -5.02 -9.58 -7.94
N TRP A 54 -5.55 -8.86 -8.92
CA TRP A 54 -6.21 -9.54 -10.01
C TRP A 54 -5.21 -10.47 -10.72
N LEU A 55 -4.02 -9.96 -10.95
CA LEU A 55 -2.95 -10.75 -11.48
C LEU A 55 -2.68 -12.00 -10.65
N TRP A 56 -2.54 -11.85 -9.36
CA TRP A 56 -2.34 -12.98 -8.47
C TRP A 56 -3.46 -14.03 -8.62
N LEU A 57 -4.71 -13.58 -8.65
CA LEU A 57 -5.84 -14.43 -8.89
C LEU A 57 -5.74 -15.19 -10.21
N GLU A 58 -5.39 -14.51 -11.29
CA GLU A 58 -5.32 -15.21 -12.57
C GLU A 58 -4.17 -16.18 -12.72
N VAL A 59 -3.09 -15.99 -11.96
CA VAL A 59 -1.96 -16.85 -12.03
C VAL A 59 -2.36 -18.18 -11.44
N LEU A 60 -3.02 -18.15 -10.29
CA LEU A 60 -3.43 -19.40 -9.66
C LEU A 60 -4.52 -20.13 -10.45
N TYR A 61 -5.44 -19.37 -11.04
CA TYR A 61 -6.41 -19.94 -11.94
C TYR A 61 -5.78 -20.54 -13.19
N GLY A 62 -4.78 -19.85 -13.72
CA GLY A 62 -4.11 -20.28 -14.91
C GLY A 62 -3.33 -21.56 -14.64
N HIS A 63 -2.73 -21.66 -13.47
N HIS A 63 -2.74 -21.68 -13.47
CA HIS A 63 -2.06 -22.88 -12.98
CA HIS A 63 -2.06 -22.91 -13.13
C HIS A 63 -2.99 -24.10 -13.02
C HIS A 63 -3.01 -24.11 -13.05
N TYR A 64 -4.17 -23.96 -12.41
CA TYR A 64 -5.13 -25.05 -12.33
C TYR A 64 -5.77 -25.43 -13.66
N THR A 65 -5.99 -24.49 -14.58
CA THR A 65 -6.61 -24.80 -15.82
C THR A 65 -5.63 -24.99 -16.93
N ARG A 66 -4.35 -24.71 -16.72
CA ARG A 66 -3.37 -24.76 -17.81
C ARG A 66 -3.66 -23.78 -18.94
N ASP A 67 -4.46 -22.75 -18.71
CA ASP A 67 -4.77 -21.75 -19.69
C ASP A 67 -4.35 -20.36 -19.10
N TRP A 68 -3.34 -19.79 -19.71
CA TRP A 68 -2.79 -18.53 -19.29
C TRP A 68 -3.39 -17.30 -19.98
N SER A 69 -4.41 -17.47 -20.82
N SER A 69 -4.42 -17.48 -20.83
CA SER A 69 -5.05 -16.35 -21.53
CA SER A 69 -5.05 -16.36 -21.56
C SER A 69 -5.63 -15.28 -20.63
C SER A 69 -5.67 -15.29 -20.66
N LYS A 70 -6.17 -15.69 -19.50
CA LYS A 70 -6.82 -14.74 -18.62
C LYS A 70 -5.81 -13.84 -17.92
N LEU A 71 -4.65 -14.39 -17.66
CA LEU A 71 -3.54 -13.65 -17.10
C LEU A 71 -3.09 -12.68 -18.08
N GLU A 72 -2.91 -13.12 -19.31
CA GLU A 72 -2.45 -12.14 -20.32
C GLU A 72 -3.47 -11.05 -20.57
N ALA A 73 -4.77 -11.38 -20.53
CA ALA A 73 -5.77 -10.34 -20.77
C ALA A 73 -5.77 -9.29 -19.61
N ALA A 74 -5.51 -9.78 -18.42
CA ALA A 74 -5.45 -8.94 -17.23
C ALA A 74 -4.24 -8.00 -17.35
N TRP A 75 -3.09 -8.53 -17.76
CA TRP A 75 -1.94 -7.68 -17.95
C TRP A 75 -2.21 -6.61 -19.03
N ASP A 76 -2.83 -7.02 -20.13
CA ASP A 76 -3.16 -6.12 -21.21
C ASP A 76 -4.07 -4.96 -20.73
N ASN A 77 -5.07 -5.31 -19.94
CA ASN A 77 -6.02 -4.36 -19.37
C ASN A 77 -5.32 -3.37 -18.45
N MET A 78 -4.41 -3.87 -17.62
CA MET A 78 -3.56 -3.03 -16.82
C MET A 78 -2.77 -2.04 -17.63
N GLU A 79 -2.10 -2.55 -18.64
CA GLU A 79 -1.35 -1.72 -19.57
C GLU A 79 -2.20 -0.67 -20.26
N LYS A 80 -3.38 -1.05 -20.66
CA LYS A 80 -4.26 -0.14 -21.41
C LYS A 80 -4.78 1.02 -20.50
N TYR A 81 -5.21 0.68 -19.28
CA TYR A 81 -5.92 1.65 -18.42
C TYR A 81 -5.17 2.31 -17.30
N ILE A 82 -4.11 1.68 -16.76
CA ILE A 82 -3.47 2.25 -15.56
C ILE A 82 -1.93 2.41 -15.60
N ILE A 83 -1.28 1.83 -16.60
CA ILE A 83 0.08 2.17 -16.82
C ILE A 83 0.04 3.27 -17.88
N PRO A 84 0.57 4.44 -17.59
CA PRO A 84 0.52 5.58 -18.52
C PRO A 84 1.56 5.58 -19.64
N VAL A 85 1.60 4.46 -20.39
CA VAL A 85 2.49 4.31 -21.52
C VAL A 85 1.59 3.84 -22.62
N ASN A 86 1.57 4.49 -23.74
CA ASN A 86 0.57 4.15 -24.74
C ASN A 86 1.27 4.24 -26.05
N GLU A 87 2.09 3.24 -26.30
CA GLU A 87 2.84 3.19 -27.56
C GLU A 87 1.81 2.73 -28.63
N ASP A 88 1.48 3.68 -29.53
CA ASP A 88 0.41 3.65 -30.57
C ASP A 88 -0.84 4.54 -30.32
N GLY A 89 -0.63 5.71 -29.73
CA GLY A 89 -1.76 6.60 -29.35
C GLY A 89 -1.17 7.90 -28.89
N ASN A 90 -1.92 8.75 -28.17
CA ASN A 90 -1.26 9.92 -27.61
C ASN A 90 -0.23 9.48 -26.53
N ASP A 91 0.82 10.25 -26.43
CA ASP A 91 1.80 10.13 -25.42
C ASP A 91 1.13 10.49 -24.08
N GLU A 92 1.17 9.59 -23.11
CA GLU A 92 0.64 9.84 -21.81
C GLU A 92 1.67 10.40 -20.78
N GLN A 93 2.89 10.59 -21.24
CA GLN A 93 4.00 11.21 -20.51
C GLN A 93 4.74 12.19 -21.39
N PRO A 94 4.03 13.20 -21.91
CA PRO A 94 4.69 14.10 -22.87
C PRO A 94 5.77 14.91 -22.21
N HIS A 95 6.89 15.04 -22.91
CA HIS A 95 8.09 15.75 -22.48
C HIS A 95 8.93 14.99 -21.41
N MET A 96 8.61 13.72 -21.12
CA MET A 96 9.52 12.87 -20.35
C MET A 96 10.95 12.84 -20.94
N SER A 97 11.05 12.99 -22.26
CA SER A 97 12.33 13.03 -22.93
C SER A 97 13.15 14.16 -22.60
N ALA A 98 12.57 15.25 -22.15
CA ALA A 98 13.34 16.39 -21.71
C ALA A 98 13.80 16.27 -20.26
N TYR A 99 13.50 15.16 -19.58
CA TYR A 99 13.95 14.99 -18.19
C TYR A 99 15.43 15.25 -18.11
N ASN A 100 15.84 15.90 -17.02
CA ASN A 100 17.22 16.15 -16.71
C ASN A 100 17.68 15.33 -15.49
N PRO A 101 18.36 14.22 -15.78
CA PRO A 101 18.79 13.39 -14.71
C PRO A 101 19.85 14.01 -13.80
N SER A 102 20.53 15.07 -14.21
CA SER A 102 21.38 15.80 -13.27
C SER A 102 20.62 16.78 -12.40
N SER A 103 19.36 17.08 -12.75
CA SER A 103 18.52 17.91 -11.83
C SER A 103 17.10 17.39 -11.90
N PRO A 104 16.89 16.22 -11.26
CA PRO A 104 15.65 15.46 -11.44
C PRO A 104 14.38 16.21 -11.06
N ALA A 105 14.47 17.06 -10.04
CA ALA A 105 13.31 17.80 -9.54
C ALA A 105 13.73 19.00 -8.69
N THR A 106 12.77 19.86 -8.34
CA THR A 106 13.02 21.02 -7.53
C THR A 106 12.48 20.79 -6.13
N TYR A 107 13.35 20.97 -5.15
CA TYR A 107 13.06 20.81 -3.74
C TYR A 107 11.90 21.67 -3.24
N ALA A 108 11.06 21.04 -2.43
CA ALA A 108 10.09 21.74 -1.61
C ALA A 108 9.95 20.93 -0.30
N SER A 109 9.70 21.61 0.80
CA SER A 109 9.48 20.95 2.07
C SER A 109 8.09 20.34 2.20
N GLU A 110 8.00 19.24 2.94
CA GLU A 110 6.72 18.69 3.33
C GLU A 110 6.38 19.45 4.60
N LYS A 111 5.12 19.38 4.99
CA LYS A 111 4.62 20.09 6.14
C LYS A 111 3.85 19.18 7.05
N PRO A 112 3.85 19.50 8.34
CA PRO A 112 3.15 18.64 9.30
C PRO A 112 1.65 18.71 9.29
N TYR A 113 1.07 19.72 8.62
CA TYR A 113 -0.41 19.78 8.39
C TYR A 113 -0.75 20.26 6.99
N PRO A 114 -1.88 19.79 6.44
CA PRO A 114 -2.25 20.23 5.12
C PRO A 114 -2.41 21.78 5.01
N ASP A 115 -2.75 22.40 6.13
CA ASP A 115 -2.93 23.85 6.27
C ASP A 115 -1.72 24.66 5.85
N GLN A 116 -0.56 24.03 5.84
CA GLN A 116 0.68 24.76 5.52
C GLN A 116 1.06 24.63 4.05
N TYR A 117 0.21 23.98 3.28
CA TYR A 117 0.38 23.94 1.82
C TYR A 117 -0.43 25.11 1.22
N PRO A 118 0.00 25.68 0.12
CA PRO A 118 1.06 25.16 -0.75
C PRO A 118 2.50 25.41 -0.24
N SER A 119 3.44 24.52 -0.59
CA SER A 119 4.85 24.60 -0.15
C SER A 119 5.63 25.25 -1.27
N GLN A 120 6.56 26.09 -0.91
CA GLN A 120 7.38 26.81 -1.91
C GLN A 120 8.35 25.84 -2.65
N LEU A 121 8.32 25.86 -3.97
CA LEU A 121 9.32 25.20 -4.79
C LEU A 121 10.54 26.10 -4.80
N SER A 122 11.36 25.95 -3.81
CA SER A 122 12.44 26.84 -3.59
C SER A 122 13.77 26.31 -4.12
N GLY A 123 13.92 25.00 -4.37
CA GLY A 123 15.21 24.48 -4.73
C GLY A 123 16.34 24.73 -3.73
N ALA A 124 15.94 24.88 -2.45
CA ALA A 124 16.86 25.15 -1.33
C ALA A 124 17.96 24.10 -1.27
N ARG A 125 17.58 22.85 -1.52
CA ARG A 125 18.46 21.75 -1.61
C ARG A 125 18.51 21.32 -3.09
N PRO A 126 19.61 21.59 -3.79
CA PRO A 126 19.79 21.02 -5.15
C PRO A 126 19.61 19.50 -5.14
N ALA A 127 18.87 18.99 -6.11
CA ALA A 127 18.65 17.58 -6.20
C ALA A 127 19.89 16.88 -6.70
N GLY A 128 20.10 15.64 -6.20
CA GLY A 128 21.22 14.83 -6.67
C GLY A 128 20.98 14.16 -8.02
N GLN A 129 22.04 13.46 -8.42
N GLN A 129 22.06 13.68 -8.63
CA GLN A 129 22.08 12.81 -9.71
CA GLN A 129 21.91 13.12 -9.98
C GLN A 129 21.15 11.59 -9.76
C GLN A 129 21.25 11.70 -9.89
N ASP A 130 20.36 11.43 -10.83
CA ASP A 130 19.65 10.16 -11.05
C ASP A 130 20.58 9.20 -11.78
N PRO A 131 20.98 8.11 -11.11
CA PRO A 131 21.95 7.21 -11.70
C PRO A 131 21.36 6.03 -12.48
N ILE A 132 20.03 5.92 -12.69
CA ILE A 132 19.48 4.82 -13.43
C ILE A 132 18.78 5.22 -14.72
N ASP A 133 18.52 6.52 -14.88
CA ASP A 133 17.91 7.09 -16.11
C ASP A 133 18.64 6.57 -17.37
N GLY A 134 19.96 6.68 -17.36
CA GLY A 134 20.78 6.34 -18.54
C GLY A 134 20.70 4.85 -18.85
N GLU A 135 20.67 4.02 -17.79
CA GLU A 135 20.53 2.56 -18.04
C GLU A 135 19.17 2.23 -18.60
N LEU A 136 18.14 2.89 -18.06
CA LEU A 136 16.77 2.60 -18.51
C LEU A 136 16.63 3.01 -19.99
N LYS A 137 17.19 4.16 -20.32
CA LYS A 137 17.13 4.63 -21.72
C LYS A 137 17.86 3.71 -22.70
N SER A 138 19.03 3.24 -22.29
CA SER A 138 19.84 2.37 -23.12
C SER A 138 19.18 1.03 -23.22
N THR A 139 18.60 0.50 -22.13
CA THR A 139 17.92 -0.78 -22.18
C THR A 139 16.62 -0.80 -23.02
N TYR A 140 15.78 0.19 -22.89
CA TYR A 140 14.43 0.14 -23.45
C TYR A 140 14.25 1.16 -24.58
N GLY A 141 15.19 2.05 -24.79
CA GLY A 141 15.01 3.05 -25.83
C GLY A 141 14.04 4.13 -25.45
N THR A 142 13.70 4.18 -24.16
CA THR A 142 12.73 5.12 -23.64
C THR A 142 12.97 5.32 -22.16
N ASN A 143 12.65 6.50 -21.65
CA ASN A 143 12.49 6.68 -20.21
C ASN A 143 11.04 6.79 -19.74
N GLU A 144 10.07 6.50 -20.59
CA GLU A 144 8.67 6.48 -20.13
C GLU A 144 8.46 5.39 -19.08
N THR A 145 7.89 5.81 -17.95
CA THR A 145 7.86 5.03 -16.74
C THR A 145 6.85 3.93 -16.93
N TYR A 146 7.31 2.69 -16.87
CA TYR A 146 6.43 1.49 -16.95
C TYR A 146 6.12 1.02 -15.56
N LEU A 147 5.27 1.79 -14.89
CA LEU A 147 4.71 1.50 -13.58
C LEU A 147 3.28 1.91 -13.55
N MET A 148 2.50 1.26 -12.68
CA MET A 148 1.12 1.64 -12.57
C MET A 148 0.99 2.95 -11.82
N HIS A 149 0.23 3.90 -12.36
CA HIS A 149 -0.33 4.93 -11.48
C HIS A 149 -1.22 4.28 -10.40
N TRP A 150 -1.24 4.84 -9.18
CA TRP A 150 -1.90 4.17 -8.09
C TRP A 150 -3.45 4.22 -8.04
N LEU A 151 -4.08 5.21 -8.74
CA LEU A 151 -5.50 5.50 -8.52
C LEU A 151 -6.19 5.88 -9.84
N LEU A 152 -7.26 5.17 -10.15
CA LEU A 152 -8.01 5.36 -11.41
C LEU A 152 -9.47 5.59 -11.07
N ASP A 153 -10.08 6.60 -11.69
CA ASP A 153 -11.50 6.87 -11.49
C ASP A 153 -12.25 6.13 -12.59
N VAL A 154 -12.70 4.92 -12.29
CA VAL A 154 -13.03 3.95 -13.30
C VAL A 154 -14.37 4.33 -13.96
N ASP A 155 -15.33 4.83 -13.19
CA ASP A 155 -16.63 5.27 -13.76
C ASP A 155 -16.64 6.77 -14.13
N ASN A 156 -15.48 7.41 -14.05
CA ASN A 156 -15.37 8.88 -14.28
C ASN A 156 -16.32 9.61 -13.30
N TRP A 157 -16.31 9.13 -12.04
CA TRP A 157 -17.22 9.67 -11.03
C TRP A 157 -16.84 11.11 -10.61
N TYR A 158 -15.57 11.50 -10.73
CA TYR A 158 -15.15 12.88 -10.48
C TYR A 158 -15.36 13.78 -11.67
N LYS A 159 -15.70 13.20 -12.81
CA LYS A 159 -16.09 13.91 -14.04
C LYS A 159 -14.95 14.67 -14.65
N TYR A 160 -13.67 14.37 -14.29
CA TYR A 160 -12.60 15.10 -14.96
C TYR A 160 -12.40 14.68 -16.44
N GLY A 161 -12.85 13.49 -16.83
CA GLY A 161 -12.46 12.91 -18.10
C GLY A 161 -10.98 12.50 -18.11
N ASN A 162 -10.57 11.90 -19.21
CA ASN A 162 -9.23 11.42 -19.46
C ASN A 162 -8.69 12.23 -20.63
N LEU A 163 -7.92 13.24 -20.31
CA LEU A 163 -7.36 14.16 -21.28
C LEU A 163 -6.55 13.51 -22.40
N LEU A 164 -5.58 12.72 -22.02
CA LEU A 164 -4.68 12.20 -23.01
C LEU A 164 -5.19 10.95 -23.67
N ASN A 165 -6.30 10.40 -23.18
CA ASN A 165 -6.97 9.30 -23.83
C ASN A 165 -8.48 9.40 -23.67
N PRO A 166 -9.10 10.31 -24.42
CA PRO A 166 -10.51 10.65 -24.11
C PRO A 166 -11.59 9.59 -24.32
N SER A 167 -11.33 8.59 -25.13
CA SER A 167 -12.24 7.45 -25.27
C SER A 167 -12.18 6.47 -24.13
N HIS A 168 -11.23 6.59 -23.19
CA HIS A 168 -11.30 5.79 -21.96
C HIS A 168 -12.12 6.48 -20.91
N LYS A 169 -13.13 5.80 -20.39
CA LYS A 169 -13.88 6.29 -19.27
C LYS A 169 -12.99 6.39 -18.01
N ALA A 170 -12.20 5.34 -17.72
CA ALA A 170 -11.32 5.31 -16.55
C ALA A 170 -10.29 6.44 -16.71
N ALA A 171 -10.31 7.40 -15.79
CA ALA A 171 -9.45 8.60 -15.84
C ALA A 171 -8.38 8.55 -14.71
N TYR A 172 -7.18 8.97 -15.00
CA TYR A 172 -6.13 9.07 -13.99
C TYR A 172 -6.41 10.26 -13.06
N VAL A 173 -6.52 9.97 -11.77
CA VAL A 173 -6.78 10.95 -10.74
C VAL A 173 -5.76 10.76 -9.56
N ASN A 174 -5.57 11.86 -8.81
N ASN A 174 -5.59 11.83 -8.77
CA ASN A 174 -4.67 11.96 -7.67
CA ASN A 174 -4.76 11.78 -7.60
C ASN A 174 -5.51 12.47 -6.49
C ASN A 174 -5.43 12.53 -6.47
N THR A 175 -5.09 12.15 -5.26
CA THR A 175 -5.64 12.71 -4.06
C THR A 175 -4.54 13.26 -3.14
N PHE A 176 -3.98 12.37 -2.33
CA PHE A 176 -2.93 12.76 -1.38
C PHE A 176 -1.79 13.60 -1.98
N GLN A 177 -1.51 14.72 -1.36
CA GLN A 177 -0.45 15.60 -1.76
C GLN A 177 0.12 16.38 -0.61
N ARG A 178 -0.46 16.32 0.58
CA ARG A 178 -0.20 17.34 1.58
C ARG A 178 0.28 16.80 2.95
N GLY A 179 1.15 15.81 2.91
CA GLY A 179 1.88 15.45 4.06
C GLY A 179 1.20 14.47 4.94
N GLN A 180 1.73 14.33 6.15
N GLN A 180 1.77 14.33 6.14
CA GLN A 180 1.44 13.20 6.99
CA GLN A 180 1.48 13.24 7.04
C GLN A 180 0.14 13.31 7.79
C GLN A 180 0.16 13.31 7.79
N GLN A 181 -0.44 14.50 7.84
CA GLN A 181 -1.73 14.68 8.48
C GLN A 181 -2.83 14.78 7.45
N GLU A 182 -2.56 14.57 6.17
CA GLU A 182 -3.68 14.54 5.23
C GLU A 182 -4.27 13.13 5.15
N SER A 183 -5.24 12.84 5.98
CA SER A 183 -5.95 11.59 5.85
C SER A 183 -6.74 11.55 4.52
N VAL A 184 -7.26 10.39 4.23
CA VAL A 184 -8.12 10.17 3.10
C VAL A 184 -9.30 11.13 3.08
N TRP A 185 -9.77 11.51 4.25
CA TRP A 185 -10.89 12.42 4.37
C TRP A 185 -10.55 13.86 4.01
N GLU A 186 -9.28 14.19 3.96
CA GLU A 186 -8.78 15.60 3.96
C GLU A 186 -8.13 15.96 2.63
N ALA A 187 -8.09 15.00 1.68
CA ALA A 187 -7.48 15.22 0.36
C ALA A 187 -8.54 15.70 -0.63
N ILE A 188 -8.05 16.26 -1.70
CA ILE A 188 -8.84 16.90 -2.70
C ILE A 188 -8.56 16.20 -4.05
N PRO A 189 -9.53 15.46 -4.61
CA PRO A 189 -9.30 14.70 -5.83
C PRO A 189 -9.12 15.65 -7.02
N HIS A 190 -8.11 15.40 -7.85
CA HIS A 190 -7.76 16.20 -8.97
C HIS A 190 -7.20 15.36 -10.06
N PRO A 191 -7.30 15.83 -11.33
CA PRO A 191 -6.87 15.00 -12.47
C PRO A 191 -5.37 14.98 -12.50
N SER A 192 -4.80 13.78 -12.75
CA SER A 192 -3.36 13.64 -12.96
C SER A 192 -2.89 14.50 -14.14
N GLN A 193 -3.72 14.60 -15.17
CA GLN A 193 -3.46 15.46 -16.35
C GLN A 193 -4.25 16.74 -16.18
N ASP A 194 -3.58 17.81 -15.77
CA ASP A 194 -4.25 19.06 -15.37
C ASP A 194 -4.02 20.11 -16.44
N ASP A 195 -5.00 20.27 -17.32
CA ASP A 195 -4.95 21.32 -18.32
C ASP A 195 -5.55 22.64 -17.81
N LYS A 196 -5.80 22.71 -16.52
CA LYS A 196 -6.35 23.87 -15.88
C LYS A 196 -7.78 24.20 -16.35
N SER A 197 -8.48 23.22 -16.90
CA SER A 197 -9.89 23.45 -17.22
C SER A 197 -10.81 23.25 -15.99
N PHE A 198 -10.32 22.59 -14.94
CA PHE A 198 -10.97 22.56 -13.66
C PHE A 198 -10.04 23.24 -12.65
N GLY A 199 -10.44 23.27 -11.38
CA GLY A 199 -9.60 23.91 -10.36
C GLY A 199 -9.69 25.43 -10.53
N LYS A 200 -8.68 26.13 -10.09
CA LYS A 200 -8.75 27.58 -10.12
C LYS A 200 -8.43 28.10 -11.52
N PRO A 201 -9.22 29.07 -12.04
CA PRO A 201 -8.91 29.50 -13.42
C PRO A 201 -7.43 29.93 -13.62
N ASN A 202 -6.82 29.53 -14.72
N ASN A 202 -6.84 29.48 -14.72
CA ASN A 202 -5.41 29.81 -14.97
CA ASN A 202 -5.44 29.74 -15.04
C ASN A 202 -4.40 29.00 -14.16
C ASN A 202 -4.42 29.14 -14.04
N GLU A 203 -4.85 28.22 -13.17
CA GLU A 203 -3.93 27.53 -12.23
C GLU A 203 -4.21 26.04 -12.05
N GLY A 204 -5.40 25.58 -12.43
CA GLY A 204 -5.81 24.21 -12.11
C GLY A 204 -5.75 23.98 -10.59
N PHE A 205 -5.31 22.78 -10.23
CA PHE A 205 -5.20 22.41 -8.88
C PHE A 205 -3.81 22.61 -8.31
N MET A 206 -2.81 22.88 -9.16
CA MET A 206 -1.41 22.92 -8.73
C MET A 206 -1.10 23.81 -7.54
N SER A 207 -1.73 24.97 -7.56
CA SER A 207 -1.49 26.04 -6.57
C SER A 207 -2.09 25.73 -5.21
N LEU A 208 -2.86 24.66 -5.06
CA LEU A 208 -3.16 24.17 -3.73
C LEU A 208 -1.94 23.58 -3.01
N PHE A 209 -0.99 23.08 -3.81
CA PHE A 209 0.02 22.17 -3.36
C PHE A 209 1.43 22.76 -3.36
N THR A 210 1.75 23.54 -4.38
CA THR A 210 3.06 24.18 -4.52
C THR A 210 2.92 25.65 -4.88
N LYS A 211 3.91 26.49 -4.52
CA LYS A 211 3.99 27.83 -5.07
C LYS A 211 5.29 28.00 -5.76
N GLU A 212 5.21 28.72 -6.86
CA GLU A 212 6.36 29.03 -7.65
C GLU A 212 6.21 30.49 -8.07
N ASN A 213 7.24 31.08 -8.66
N ASN A 213 7.27 31.05 -8.65
CA ASN A 213 7.13 32.49 -8.97
CA ASN A 213 7.28 32.45 -9.11
C ASN A 213 6.05 32.83 -10.00
C ASN A 213 6.05 32.78 -9.96
N GLN A 214 5.77 31.92 -10.92
CA GLN A 214 4.84 32.15 -11.96
C GLN A 214 3.54 31.42 -11.68
N VAL A 215 2.56 31.75 -12.49
CA VAL A 215 1.35 30.92 -12.66
C VAL A 215 1.75 29.50 -13.12
N PRO A 216 1.17 28.45 -12.51
CA PRO A 216 1.57 27.10 -12.87
C PRO A 216 1.19 26.81 -14.30
N ALA A 217 2.05 26.09 -15.02
CA ALA A 217 1.72 25.65 -16.37
C ALA A 217 0.81 24.42 -16.28
N ALA A 218 0.12 24.17 -17.36
CA ALA A 218 -0.60 22.96 -17.46
C ALA A 218 0.42 21.82 -17.48
N GLN A 219 0.04 20.73 -16.86
CA GLN A 219 1.02 19.68 -16.55
C GLN A 219 0.37 18.40 -16.09
N TRP A 220 1.14 17.31 -16.14
CA TRP A 220 0.70 15.97 -15.83
C TRP A 220 1.64 15.46 -14.74
N ARG A 221 1.15 14.56 -13.90
CA ARG A 221 1.99 13.83 -12.93
C ARG A 221 1.33 12.51 -12.48
N TYR A 222 2.14 11.47 -12.17
CA TYR A 222 1.64 10.18 -11.78
C TYR A 222 2.49 9.80 -10.58
N THR A 223 1.93 8.92 -9.74
CA THR A 223 2.56 8.39 -8.58
C THR A 223 2.20 6.91 -8.51
N ASN A 224 3.22 6.04 -8.36
CA ASN A 224 2.95 4.62 -8.18
C ASN A 224 2.80 4.34 -6.64
N ALA A 225 2.46 3.10 -6.36
CA ALA A 225 2.54 2.54 -5.01
C ALA A 225 3.46 1.34 -5.17
N THR A 226 4.60 1.37 -4.46
CA THR A 226 5.67 0.42 -4.69
C THR A 226 5.28 -1.00 -4.35
N ASP A 227 4.41 -1.15 -3.36
CA ASP A 227 3.91 -2.54 -3.08
C ASP A 227 2.99 -3.11 -4.14
N ALA A 228 2.34 -2.27 -4.92
CA ALA A 228 1.48 -2.80 -5.97
C ALA A 228 2.27 -3.34 -7.16
N ASP A 229 3.18 -2.55 -7.73
CA ASP A 229 3.96 -3.07 -8.83
C ASP A 229 4.79 -4.30 -8.41
N ALA A 230 5.24 -4.28 -7.15
CA ALA A 230 6.00 -5.44 -6.63
C ALA A 230 5.13 -6.69 -6.52
N ARG A 231 3.91 -6.52 -6.07
CA ARG A 231 3.01 -7.66 -6.03
C ARG A 231 2.71 -8.20 -7.46
N ALA A 232 2.61 -7.30 -8.47
CA ALA A 232 2.43 -7.77 -9.85
C ALA A 232 3.60 -8.68 -10.26
N ILE A 233 4.79 -8.29 -9.86
CA ILE A 233 5.96 -9.04 -10.11
C ILE A 233 6.03 -10.35 -9.31
N GLN A 234 5.68 -10.34 -8.04
CA GLN A 234 5.43 -11.53 -7.28
C GLN A 234 4.47 -12.49 -7.98
N ALA A 235 3.37 -11.97 -8.54
CA ALA A 235 2.48 -12.85 -9.23
C ALA A 235 3.14 -13.53 -10.42
N ILE A 236 3.84 -12.78 -11.24
CA ILE A 236 4.48 -13.33 -12.38
C ILE A 236 5.60 -14.27 -12.02
N TYR A 237 6.35 -14.01 -10.93
CA TYR A 237 7.26 -15.01 -10.35
C TYR A 237 6.59 -16.38 -10.23
N TRP A 238 5.41 -16.39 -9.61
CA TRP A 238 4.70 -17.65 -9.38
C TRP A 238 4.26 -18.29 -10.68
N ALA A 239 3.81 -17.44 -11.60
CA ALA A 239 3.35 -17.93 -12.88
C ALA A 239 4.49 -18.71 -13.58
N LYS A 240 5.64 -18.08 -13.65
CA LYS A 240 6.79 -18.68 -14.22
C LYS A 240 7.22 -19.95 -13.45
N GLU A 241 7.11 -19.94 -12.14
CA GLU A 241 7.42 -21.14 -11.37
C GLU A 241 6.44 -22.25 -11.67
N LEU A 242 5.19 -21.90 -11.95
CA LEU A 242 4.16 -22.86 -12.24
C LEU A 242 4.04 -23.22 -13.76
N GLY A 243 5.01 -22.83 -14.56
CA GLY A 243 5.04 -23.22 -15.93
C GLY A 243 4.80 -22.15 -16.98
N TYR A 244 4.47 -20.92 -16.60
CA TYR A 244 4.16 -19.94 -17.60
C TYR A 244 5.44 -19.59 -18.25
N ASN A 245 5.45 -19.47 -19.57
CA ASN A 245 6.71 -19.17 -20.27
C ASN A 245 6.62 -18.27 -21.50
N ASN A 246 5.61 -17.44 -21.57
CA ASN A 246 5.57 -16.50 -22.65
C ASN A 246 6.46 -15.28 -22.38
N SER A 247 7.55 -15.20 -23.10
N SER A 247 7.58 -15.24 -23.08
CA SER A 247 8.52 -14.15 -22.91
CA SER A 247 8.55 -14.16 -22.98
C SER A 247 8.01 -12.74 -23.22
C SER A 247 7.88 -12.79 -23.04
N THR A 248 6.89 -12.62 -23.92
CA THR A 248 6.31 -11.34 -24.14
C THR A 248 5.86 -10.67 -22.83
N TYR A 249 5.24 -11.46 -21.96
CA TYR A 249 4.78 -10.94 -20.70
C TYR A 249 5.86 -11.02 -19.60
N LEU A 250 6.70 -12.06 -19.62
CA LEU A 250 7.78 -12.13 -18.68
C LEU A 250 8.65 -10.91 -18.81
N ASP A 251 8.89 -10.52 -20.04
CA ASP A 251 9.74 -9.35 -20.27
C ASP A 251 9.13 -8.01 -19.77
N LYS A 252 7.79 -7.91 -19.82
CA LYS A 252 7.10 -6.78 -19.31
C LYS A 252 7.26 -6.73 -17.76
N ALA A 253 7.20 -7.88 -17.09
CA ALA A 253 7.42 -7.89 -15.62
C ALA A 253 8.82 -7.48 -15.29
N LYS A 254 9.77 -7.83 -16.16
CA LYS A 254 11.16 -7.45 -15.99
C LYS A 254 11.36 -5.97 -16.11
N LYS A 255 10.69 -5.43 -17.10
CA LYS A 255 10.75 -3.97 -17.33
C LYS A 255 10.13 -3.19 -16.16
N MET A 256 8.98 -3.62 -15.72
CA MET A 256 8.35 -3.03 -14.56
C MET A 256 9.33 -3.03 -13.36
N GLY A 257 10.01 -4.16 -13.13
CA GLY A 257 10.99 -4.27 -12.05
C GLY A 257 12.14 -3.31 -12.17
N ASP A 258 12.57 -3.10 -13.43
CA ASP A 258 13.67 -2.19 -13.70
C ASP A 258 13.26 -0.77 -13.29
N PHE A 259 12.08 -0.32 -13.72
CA PHE A 259 11.60 1.04 -13.43
C PHE A 259 11.24 1.17 -11.94
N LEU A 260 10.83 0.08 -11.31
CA LEU A 260 10.50 0.08 -9.86
C LEU A 260 11.69 0.48 -9.01
N ARG A 261 12.89 0.44 -9.58
CA ARG A 261 14.08 0.81 -8.82
C ARG A 261 14.02 2.29 -8.40
N TYR A 262 13.18 3.09 -9.08
CA TYR A 262 13.02 4.46 -8.67
C TYR A 262 12.49 4.55 -7.20
N GLY A 263 11.79 3.51 -6.74
CA GLY A 263 11.42 3.37 -5.36
C GLY A 263 12.56 3.29 -4.32
N MET A 264 13.80 3.05 -4.77
CA MET A 264 14.99 2.90 -3.91
C MET A 264 15.76 4.18 -3.65
N TYR A 265 15.28 5.36 -4.12
CA TYR A 265 16.02 6.63 -4.09
C TYR A 265 15.34 7.64 -3.15
N ASP A 266 16.15 8.39 -2.41
CA ASP A 266 15.64 9.51 -1.64
C ASP A 266 14.81 10.47 -2.52
N LYS A 267 13.82 11.12 -1.93
CA LYS A 267 12.88 11.95 -2.67
C LYS A 267 13.57 12.86 -3.68
N TYR A 268 14.55 13.61 -3.16
CA TYR A 268 15.34 14.57 -3.91
C TYR A 268 16.77 14.11 -4.21
N PHE A 269 16.98 12.80 -4.26
CA PHE A 269 18.28 12.22 -4.50
C PHE A 269 19.37 12.81 -3.57
N GLN A 270 19.01 12.97 -2.30
CA GLN A 270 19.95 13.36 -1.26
C GLN A 270 20.67 12.12 -0.69
N THR A 271 21.95 12.25 -0.47
CA THR A 271 22.75 11.23 0.07
C THR A 271 22.05 10.66 1.35
N ILE A 272 21.98 9.35 1.38
CA ILE A 272 21.40 8.62 2.51
C ILE A 272 22.22 8.96 3.76
N GLY A 273 21.53 9.34 4.82
CA GLY A 273 22.17 9.77 6.02
C GLY A 273 22.56 11.22 6.11
N SER A 274 22.55 11.94 5.00
CA SER A 274 23.13 13.29 4.95
C SER A 274 22.33 14.29 5.73
N GLY A 275 21.09 13.95 6.05
CA GLY A 275 20.28 14.87 6.83
C GLY A 275 20.25 14.60 8.34
N LYS A 276 21.04 13.62 8.80
CA LYS A 276 21.15 13.27 10.23
C LYS A 276 21.32 14.50 11.11
N GLN A 277 22.10 15.46 10.65
CA GLN A 277 22.43 16.69 11.41
C GLN A 277 21.81 17.89 10.76
N GLY A 278 20.84 17.68 9.87
CA GLY A 278 20.12 18.78 9.27
C GLY A 278 20.73 19.48 8.07
N ASN A 279 21.74 18.92 7.46
CA ASN A 279 22.37 19.57 6.31
C ASN A 279 22.62 18.54 5.20
N PRO A 280 21.54 18.10 4.55
CA PRO A 280 21.66 17.14 3.50
C PRO A 280 22.53 17.64 2.35
N TYR A 281 22.98 16.77 1.52
CA TYR A 281 23.63 17.15 0.27
C TYR A 281 23.38 16.12 -0.82
N PRO A 282 23.52 16.52 -2.09
CA PRO A 282 23.14 15.69 -3.21
C PRO A 282 23.91 14.40 -3.23
N GLY A 283 23.26 13.33 -3.65
CA GLY A 283 23.93 12.10 -3.89
C GLY A 283 24.75 12.07 -5.17
N ASN A 284 25.87 11.34 -5.13
CA ASN A 284 26.67 11.02 -6.32
C ASN A 284 26.64 9.53 -6.52
N GLY A 285 26.69 9.08 -7.76
CA GLY A 285 26.41 7.69 -8.11
C GLY A 285 25.11 7.23 -7.49
N LYS A 286 25.19 6.14 -6.73
CA LYS A 286 24.09 5.62 -6.02
C LYS A 286 24.08 6.01 -4.58
N GLY A 287 24.68 7.16 -4.22
CA GLY A 287 24.74 7.61 -2.81
C GLY A 287 23.38 7.95 -2.22
N ALA A 288 22.37 8.21 -3.08
CA ALA A 288 20.99 8.47 -2.65
C ALA A 288 20.07 7.24 -2.67
N CYS A 289 20.63 6.07 -2.96
CA CYS A 289 19.95 4.80 -2.96
C CYS A 289 19.95 4.16 -1.57
N HIS A 290 18.77 4.03 -0.99
CA HIS A 290 18.59 3.36 0.31
C HIS A 290 18.30 1.88 0.15
N TYR A 291 18.08 1.42 -1.08
CA TYR A 291 17.88 0.00 -1.42
C TYR A 291 16.66 -0.63 -0.69
N LEU A 292 15.73 0.18 -0.33
CA LEU A 292 14.41 -0.24 0.13
C LEU A 292 13.36 0.24 -0.85
N MET A 293 12.15 -0.30 -0.73
CA MET A 293 11.01 0.29 -1.36
C MET A 293 10.40 1.39 -0.47
N ALA A 294 10.58 2.63 -0.93
CA ALA A 294 9.97 3.79 -0.32
C ALA A 294 8.50 3.80 -0.76
N TRP A 295 7.74 4.71 -0.19
CA TRP A 295 6.31 4.71 -0.33
C TRP A 295 5.89 4.86 -1.80
N TYR A 296 6.66 5.64 -2.56
CA TYR A 296 6.29 5.91 -3.95
C TYR A 296 7.47 6.42 -4.77
N THR A 297 7.31 6.42 -6.11
CA THR A 297 8.05 7.30 -6.99
C THR A 297 6.98 8.08 -7.75
N SER A 298 7.30 9.31 -8.07
CA SER A 298 6.38 10.15 -8.79
C SER A 298 7.13 10.80 -9.94
N TRP A 299 6.44 11.03 -11.04
CA TRP A 299 7.03 11.59 -12.19
C TRP A 299 6.01 12.50 -12.88
N GLY A 300 6.48 13.57 -13.51
CA GLY A 300 5.58 14.59 -14.10
C GLY A 300 6.27 15.43 -15.17
N GLY A 301 5.47 16.19 -15.89
CA GLY A 301 6.00 17.10 -16.85
C GLY A 301 4.94 18.00 -17.48
N GLY A 302 5.36 18.82 -18.42
CA GLY A 302 4.46 19.80 -19.06
C GLY A 302 3.45 19.25 -19.98
N LEU A 303 2.31 19.94 -20.04
CA LEU A 303 1.36 19.68 -21.11
C LEU A 303 1.46 20.78 -22.13
N GLY A 304 1.32 20.43 -23.40
CA GLY A 304 1.31 21.47 -24.45
C GLY A 304 2.70 21.83 -25.00
N ASP A 305 2.70 22.59 -26.08
CA ASP A 305 3.94 22.93 -26.82
C ASP A 305 4.90 23.82 -26.04
N TYR A 306 4.43 24.61 -25.10
CA TYR A 306 5.33 25.54 -24.41
C TYR A 306 5.88 25.01 -23.08
N ALA A 307 5.88 23.69 -22.89
CA ALA A 307 6.15 23.19 -21.54
C ALA A 307 7.01 21.97 -21.63
N ASN A 308 8.22 22.19 -22.13
CA ASN A 308 9.06 21.11 -22.50
C ASN A 308 10.00 20.77 -21.33
N TRP A 309 9.41 20.20 -20.30
CA TRP A 309 10.18 19.84 -19.12
C TRP A 309 9.50 18.63 -18.46
N SER A 310 10.28 17.94 -17.63
CA SER A 310 9.75 16.89 -16.80
C SER A 310 10.64 16.68 -15.62
N TRP A 311 10.17 15.83 -14.68
CA TRP A 311 10.81 15.65 -13.42
C TRP A 311 10.49 14.29 -12.80
N ARG A 312 11.32 13.86 -11.83
CA ARG A 312 11.14 12.62 -11.05
C ARG A 312 11.56 12.89 -9.59
N ILE A 313 10.80 12.32 -8.68
CA ILE A 313 11.16 12.12 -7.31
C ILE A 313 11.06 10.64 -6.90
N GLY A 314 12.01 10.23 -6.10
CA GLY A 314 11.87 9.00 -5.28
C GLY A 314 11.04 9.28 -4.05
N ALA A 315 11.32 8.60 -2.92
CA ALA A 315 10.77 8.98 -1.68
C ALA A 315 11.70 8.57 -0.57
N SER A 316 11.57 9.32 0.52
CA SER A 316 12.53 9.24 1.56
C SER A 316 12.04 8.33 2.70
N HIS A 317 10.72 8.10 2.80
CA HIS A 317 10.06 7.38 3.89
C HIS A 317 9.79 5.95 3.41
N CYS A 318 10.19 4.98 4.23
CA CYS A 318 10.05 3.60 3.91
C CYS A 318 9.27 2.87 5.01
N HIS A 319 8.27 2.12 4.60
CA HIS A 319 7.38 1.41 5.48
C HIS A 319 7.66 -0.06 5.26
N GLN A 320 7.87 -0.77 6.35
CA GLN A 320 8.11 -2.25 6.34
C GLN A 320 7.05 -2.98 5.55
N GLY A 321 5.85 -2.53 5.68
CA GLY A 321 4.69 -3.15 5.05
C GLY A 321 4.62 -3.13 3.53
N TYR A 322 5.48 -2.32 2.92
CA TYR A 322 5.60 -2.18 1.47
C TYR A 322 6.75 -2.97 0.88
N GLN A 323 7.62 -3.56 1.71
CA GLN A 323 8.71 -4.31 1.17
C GLN A 323 8.17 -5.62 0.61
N ASN A 324 8.73 -6.05 -0.53
CA ASN A 324 8.39 -7.31 -1.10
C ASN A 324 9.66 -8.06 -1.54
N PRO A 325 10.17 -8.93 -0.68
CA PRO A 325 11.39 -9.62 -1.05
C PRO A 325 11.22 -10.79 -1.97
N VAL A 326 10.01 -11.29 -2.16
CA VAL A 326 9.75 -12.27 -3.20
C VAL A 326 9.99 -11.57 -4.57
N ALA A 327 9.48 -10.35 -4.74
CA ALA A 327 9.76 -9.60 -5.99
C ALA A 327 11.23 -9.39 -6.16
N ALA A 328 11.88 -8.96 -5.08
CA ALA A 328 13.32 -8.70 -5.12
C ALA A 328 14.14 -9.96 -5.53
N TYR A 329 13.80 -11.11 -4.96
CA TYR A 329 14.42 -12.37 -5.35
C TYR A 329 14.16 -12.71 -6.80
N ALA A 330 12.93 -12.52 -7.24
CA ALA A 330 12.59 -12.82 -8.60
C ALA A 330 13.42 -12.02 -9.62
N LEU A 331 13.67 -10.77 -9.28
CA LEU A 331 14.40 -9.83 -10.07
C LEU A 331 15.93 -9.95 -9.96
N SER A 332 16.47 -10.75 -9.04
CA SER A 332 17.88 -10.67 -8.76
C SER A 332 18.61 -12.01 -8.87
N SER A 333 17.93 -13.15 -8.93
CA SER A 333 18.60 -14.42 -9.11
C SER A 333 18.22 -15.18 -10.34
N ASP A 334 19.08 -16.13 -10.69
CA ASP A 334 18.73 -17.08 -11.79
C ASP A 334 17.54 -17.93 -11.51
N LYS A 335 17.45 -18.35 -10.28
CA LYS A 335 16.29 -19.12 -9.88
C LYS A 335 15.01 -18.28 -9.78
N GLY A 336 15.14 -16.97 -9.58
CA GLY A 336 13.98 -16.12 -9.52
C GLY A 336 13.35 -15.97 -10.89
N GLY A 337 14.18 -15.82 -11.90
CA GLY A 337 13.77 -15.88 -13.30
C GLY A 337 13.35 -14.60 -13.98
N LEU A 338 13.33 -13.46 -13.26
CA LEU A 338 12.87 -12.22 -13.83
C LEU A 338 13.97 -11.17 -13.80
N LYS A 339 15.23 -11.55 -13.88
CA LYS A 339 16.27 -10.54 -13.86
C LYS A 339 16.13 -9.60 -15.06
N PRO A 340 16.14 -8.29 -14.80
CA PRO A 340 16.05 -7.36 -15.96
C PRO A 340 17.31 -7.37 -16.81
N SER A 341 17.23 -6.78 -18.02
N SER A 341 17.22 -6.82 -18.03
CA SER A 341 18.42 -6.76 -18.95
CA SER A 341 18.38 -6.77 -18.96
C SER A 341 19.30 -5.54 -18.79
C SER A 341 19.18 -5.49 -18.89
N SER A 342 18.94 -4.64 -17.89
CA SER A 342 19.74 -3.47 -17.67
C SER A 342 21.06 -3.84 -17.01
N ALA A 343 22.05 -2.99 -17.10
CA ALA A 343 23.33 -3.26 -16.44
C ALA A 343 23.29 -3.58 -14.94
N THR A 344 22.53 -2.85 -14.15
CA THR A 344 22.53 -3.08 -12.72
C THR A 344 21.17 -3.37 -12.09
N GLY A 345 20.13 -3.59 -12.87
CA GLY A 345 18.85 -3.89 -12.31
C GLY A 345 18.86 -5.10 -11.35
N ALA A 346 19.36 -6.24 -11.82
CA ALA A 346 19.37 -7.43 -10.97
C ALA A 346 20.22 -7.26 -9.72
N SER A 347 21.32 -6.57 -9.88
N SER A 347 21.37 -6.60 -9.90
CA SER A 347 22.27 -6.42 -8.83
CA SER A 347 22.35 -6.37 -8.85
C SER A 347 21.78 -5.42 -7.81
C SER A 347 21.82 -5.39 -7.82
N ASP A 348 21.08 -4.36 -8.27
CA ASP A 348 20.42 -3.46 -7.31
C ASP A 348 19.35 -4.22 -6.50
N TRP A 349 18.60 -5.07 -7.18
CA TRP A 349 17.57 -5.84 -6.50
C TRP A 349 18.17 -6.89 -5.56
N GLU A 350 19.33 -7.42 -5.92
CA GLU A 350 19.99 -8.35 -5.04
C GLU A 350 20.34 -7.69 -3.70
N LYS A 351 20.81 -6.44 -3.78
CA LYS A 351 21.11 -5.69 -2.56
C LYS A 351 19.87 -5.34 -1.80
N THR A 352 18.81 -5.01 -2.52
CA THR A 352 17.55 -4.73 -1.89
C THR A 352 16.97 -5.91 -1.10
N LEU A 353 17.10 -7.10 -1.67
CA LEU A 353 16.61 -8.31 -1.05
C LEU A 353 17.24 -8.46 0.38
N LYS A 354 18.55 -8.32 0.43
CA LYS A 354 19.26 -8.35 1.66
C LYS A 354 18.85 -7.17 2.61
N ARG A 355 18.82 -5.98 2.08
CA ARG A 355 18.45 -4.83 2.95
C ARG A 355 17.01 -4.89 3.53
N GLN A 356 16.07 -5.33 2.70
CA GLN A 356 14.70 -5.65 3.15
C GLN A 356 14.67 -6.63 4.33
N LEU A 357 15.37 -7.74 4.17
CA LEU A 357 15.43 -8.73 5.27
C LEU A 357 16.05 -8.19 6.53
N GLU A 358 17.13 -7.46 6.38
CA GLU A 358 17.71 -6.77 7.53
C GLU A 358 16.70 -5.79 8.20
N PHE A 359 15.93 -5.06 7.41
CA PHE A 359 14.99 -4.08 7.90
C PHE A 359 13.91 -4.78 8.74
N TYR A 360 13.40 -5.92 8.29
CA TYR A 360 12.47 -6.68 9.09
C TYR A 360 13.03 -7.15 10.44
N VAL A 361 14.25 -7.70 10.43
CA VAL A 361 14.89 -8.08 11.65
C VAL A 361 15.10 -6.88 12.54
N TRP A 362 15.58 -5.78 12.00
CA TRP A 362 15.73 -4.55 12.74
C TRP A 362 14.44 -4.05 13.45
N LEU A 363 13.33 -4.16 12.74
CA LEU A 363 12.05 -3.58 13.16
C LEU A 363 11.23 -4.50 14.05
N GLN A 364 11.68 -5.72 14.28
CA GLN A 364 10.87 -6.67 14.99
C GLN A 364 10.86 -6.39 16.50
N SER A 365 9.68 -6.25 17.09
CA SER A 365 9.52 -5.86 18.48
C SER A 365 9.98 -7.00 19.38
N LYS A 366 10.09 -6.72 20.68
CA LYS A 366 10.51 -7.71 21.65
C LYS A 366 9.56 -8.92 21.63
N GLU A 367 8.28 -8.72 21.33
CA GLU A 367 7.35 -9.83 21.27
C GLU A 367 7.09 -10.37 19.84
N GLY A 368 7.64 -9.76 18.80
CA GLY A 368 7.63 -10.37 17.47
C GLY A 368 6.89 -9.66 16.32
N ALA A 369 6.24 -8.53 16.62
CA ALA A 369 5.53 -7.76 15.63
C ALA A 369 6.51 -6.83 14.91
N ILE A 370 6.15 -6.42 13.70
CA ILE A 370 7.03 -5.61 12.92
C ILE A 370 6.69 -4.12 13.02
N ALA A 371 7.62 -3.30 13.55
CA ALA A 371 7.44 -1.85 13.66
C ALA A 371 7.61 -1.11 12.31
N GLY A 372 7.35 0.18 12.33
CA GLY A 372 6.94 0.86 11.10
C GLY A 372 7.93 0.96 9.97
N GLY A 373 9.08 1.49 10.25
CA GLY A 373 10.03 1.80 9.20
C GLY A 373 11.02 2.92 9.52
N ALA A 374 11.48 3.61 8.48
CA ALA A 374 12.50 4.62 8.66
C ALA A 374 12.45 5.66 7.55
N THR A 375 13.10 6.79 7.77
CA THR A 375 13.16 7.85 6.81
C THR A 375 14.56 8.43 6.67
N ASN A 376 14.88 8.85 5.47
CA ASN A 376 16.05 9.72 5.24
C ASN A 376 15.75 11.23 5.31
N SER A 377 14.47 11.63 5.52
CA SER A 377 14.11 13.06 5.54
C SER A 377 13.20 13.27 6.75
N TRP A 378 13.80 13.45 7.90
CA TRP A 378 13.03 13.71 9.09
C TRP A 378 12.20 15.00 8.95
N ASN A 379 10.90 14.87 9.28
CA ASN A 379 9.84 15.85 9.03
C ASN A 379 9.63 16.13 7.57
N GLY A 380 10.24 15.36 6.68
CA GLY A 380 10.08 15.68 5.24
C GLY A 380 10.75 16.96 4.75
N ASP A 381 11.72 17.49 5.52
CA ASP A 381 12.49 18.63 5.12
C ASP A 381 13.97 18.50 5.54
N TYR A 382 14.42 17.23 5.70
CA TYR A 382 15.78 16.92 6.10
C TYR A 382 16.18 17.60 7.45
N SER A 383 15.26 17.55 8.40
CA SER A 383 15.58 18.01 9.74
C SER A 383 16.52 17.01 10.37
N ALA A 384 17.30 17.54 11.30
CA ALA A 384 18.23 16.73 12.11
C ALA A 384 17.43 15.69 12.91
N TYR A 385 17.97 14.48 13.07
CA TYR A 385 17.28 13.44 13.78
C TYR A 385 17.20 13.83 15.26
N PRO A 386 16.11 13.46 15.96
CA PRO A 386 16.11 13.74 17.40
C PRO A 386 17.30 13.06 18.10
N ALA A 387 17.82 13.71 19.14
CA ALA A 387 18.82 13.09 19.99
C ALA A 387 18.34 11.73 20.47
N GLY A 388 19.20 10.75 20.29
CA GLY A 388 18.94 9.37 20.69
C GLY A 388 18.10 8.54 19.72
N ARG A 389 17.70 9.08 18.58
CA ARG A 389 16.86 8.36 17.66
C ARG A 389 17.62 7.18 17.08
N SER A 390 17.03 5.98 17.14
CA SER A 390 17.64 4.84 16.45
C SER A 390 17.66 4.97 14.96
N THR A 391 18.65 4.32 14.32
CA THR A 391 18.82 4.39 12.92
C THR A 391 19.10 3.00 12.29
N PHE A 392 18.88 2.95 10.96
CA PHE A 392 19.05 1.83 10.12
C PHE A 392 19.70 2.40 8.91
N TYR A 393 20.93 1.98 8.67
CA TYR A 393 21.74 2.55 7.55
C TYR A 393 21.65 4.07 7.49
N ASP A 394 21.62 4.73 8.64
CA ASP A 394 21.68 6.17 8.75
C ASP A 394 20.34 6.87 8.47
N MET A 395 19.28 6.09 8.49
CA MET A 395 17.91 6.54 8.32
C MET A 395 17.21 6.36 9.67
N ALA A 396 16.41 7.32 10.02
CA ALA A 396 15.80 7.41 11.32
C ALA A 396 14.57 6.58 11.47
N TYR A 397 14.48 5.87 12.58
CA TYR A 397 13.31 5.09 12.90
C TYR A 397 12.06 5.96 12.95
N GLU A 398 10.97 5.41 12.36
CA GLU A 398 9.64 6.01 12.42
C GLU A 398 8.59 4.97 12.77
N ASP A 399 7.79 5.26 13.80
CA ASP A 399 6.70 4.34 14.20
C ASP A 399 5.47 4.37 13.29
N ALA A 400 5.36 5.44 12.52
CA ALA A 400 4.26 5.68 11.59
C ALA A 400 4.75 6.38 10.30
N PRO A 401 5.45 5.60 9.44
CA PRO A 401 6.01 6.24 8.29
C PRO A 401 4.90 6.77 7.35
N VAL A 402 5.17 7.95 6.79
CA VAL A 402 4.35 8.63 5.76
C VAL A 402 3.06 9.23 6.30
N TYR A 403 2.21 8.46 6.94
CA TYR A 403 0.89 8.93 7.48
C TYR A 403 0.68 8.70 8.95
N HIS A 404 0.07 9.70 9.58
CA HIS A 404 -0.23 9.72 10.98
C HIS A 404 -1.70 9.73 11.24
N ASP A 405 -2.54 9.81 10.22
CA ASP A 405 -3.96 9.90 10.48
C ASP A 405 -4.66 8.88 9.59
N PRO A 406 -4.87 7.66 10.08
CA PRO A 406 -4.31 7.14 11.31
C PRO A 406 -2.83 6.70 11.13
N PRO A 407 -2.14 6.44 12.21
CA PRO A 407 -0.74 6.06 12.13
C PRO A 407 -0.57 4.84 11.29
N SER A 408 0.28 4.92 10.31
CA SER A 408 0.30 3.99 9.23
C SER A 408 0.66 2.56 9.53
N ASN A 409 1.23 2.26 10.70
CA ASN A 409 1.61 0.89 11.01
C ASN A 409 0.77 0.32 12.15
N ASN A 410 -0.33 1.01 12.48
CA ASN A 410 -1.25 0.47 13.47
C ASN A 410 -2.11 -0.66 12.95
N TRP A 411 -2.61 -0.56 11.72
CA TRP A 411 -3.46 -1.59 11.22
C TRP A 411 -2.79 -2.96 11.15
N PHE A 412 -3.47 -3.99 11.68
CA PHE A 412 -2.85 -5.35 11.73
C PHE A 412 -2.66 -5.93 10.33
N GLY A 413 -3.40 -5.42 9.36
CA GLY A 413 -3.18 -5.79 7.96
C GLY A 413 -1.77 -5.52 7.46
N MET A 414 -1.12 -4.49 8.00
N MET A 414 -1.12 -4.47 7.99
CA MET A 414 0.27 -4.19 7.70
CA MET A 414 0.30 -4.20 7.73
C MET A 414 1.24 -5.21 8.36
C MET A 414 1.25 -5.22 8.36
N GLN A 415 0.76 -6.07 9.25
CA GLN A 415 1.56 -7.24 9.70
C GLN A 415 1.38 -8.41 8.71
N ALA A 416 0.13 -8.72 8.39
CA ALA A 416 -0.17 -9.91 7.60
C ALA A 416 0.43 -9.85 6.20
N TRP A 417 0.25 -8.72 5.57
CA TRP A 417 0.70 -8.55 4.21
C TRP A 417 2.19 -8.85 4.00
N PRO A 418 3.06 -8.15 4.75
CA PRO A 418 4.45 -8.44 4.58
C PRO A 418 4.92 -9.79 5.08
N MET A 419 4.36 -10.28 6.19
CA MET A 419 4.80 -11.56 6.74
C MET A 419 4.34 -12.73 5.91
N GLU A 420 3.26 -12.53 5.17
CA GLU A 420 2.88 -13.48 4.15
C GLU A 420 4.00 -13.68 3.14
N ARG A 421 4.62 -12.59 2.69
N ARG A 421 4.60 -12.58 2.69
CA ARG A 421 5.73 -12.62 1.71
CA ARG A 421 5.68 -12.60 1.70
C ARG A 421 7.05 -13.17 2.27
C ARG A 421 7.05 -13.10 2.24
N VAL A 422 7.33 -12.83 3.51
CA VAL A 422 8.54 -13.43 4.16
C VAL A 422 8.35 -14.92 4.36
N ALA A 423 7.14 -15.33 4.70
CA ALA A 423 6.83 -16.77 4.73
C ALA A 423 7.05 -17.40 3.39
N GLU A 424 6.60 -16.72 2.33
CA GLU A 424 6.74 -17.27 1.00
C GLU A 424 8.21 -17.41 0.67
N LEU A 425 8.94 -16.40 1.03
CA LEU A 425 10.37 -16.35 0.74
C LEU A 425 11.15 -17.43 1.49
N TYR A 426 10.81 -17.73 2.74
CA TYR A 426 11.42 -18.88 3.44
C TYR A 426 11.21 -20.16 2.66
N TYR A 427 9.96 -20.39 2.26
CA TYR A 427 9.60 -21.50 1.43
C TYR A 427 10.42 -21.49 0.13
N ILE A 428 10.43 -20.37 -0.56
CA ILE A 428 11.18 -20.29 -1.81
C ILE A 428 12.68 -20.70 -1.56
N PHE A 429 13.31 -20.12 -0.54
CA PHE A 429 14.70 -20.35 -0.32
C PHE A 429 14.97 -21.85 -0.07
N VAL A 430 14.18 -22.46 0.79
CA VAL A 430 14.32 -23.85 1.10
C VAL A 430 14.06 -24.74 -0.12
N LYS A 431 13.00 -24.46 -0.88
N LYS A 431 13.00 -24.49 -0.89
CA LYS A 431 12.75 -25.22 -2.09
CA LYS A 431 12.78 -25.27 -2.10
C LYS A 431 13.92 -25.10 -3.06
C LYS A 431 13.93 -25.11 -3.08
N ASP A 432 14.63 -23.98 -3.06
CA ASP A 432 15.73 -23.74 -4.00
C ASP A 432 17.07 -24.31 -3.47
N GLY A 433 17.04 -25.05 -2.34
CA GLY A 433 18.26 -25.63 -1.79
C GLY A 433 19.07 -24.73 -0.87
N ASP A 434 18.50 -23.63 -0.40
CA ASP A 434 19.26 -22.75 0.51
C ASP A 434 18.71 -22.82 1.92
N LYS A 435 19.45 -23.52 2.79
CA LYS A 435 19.25 -23.48 4.23
C LYS A 435 20.31 -22.71 4.98
N THR A 436 21.32 -22.17 4.31
CA THR A 436 22.49 -21.70 5.00
C THR A 436 22.81 -20.23 4.83
N SER A 437 22.29 -19.55 3.85
CA SER A 437 22.67 -18.13 3.60
C SER A 437 22.17 -17.23 4.73
N GLU A 438 22.83 -16.11 4.90
CA GLU A 438 22.36 -15.10 5.87
C GLU A 438 20.89 -14.69 5.48
N ASN A 439 20.56 -14.58 4.20
CA ASN A 439 19.20 -14.21 3.79
C ASN A 439 18.16 -15.18 4.32
N VAL A 440 18.37 -16.48 4.12
CA VAL A 440 17.40 -17.44 4.62
C VAL A 440 17.34 -17.45 6.12
N GLN A 441 18.48 -17.25 6.79
N GLN A 441 18.48 -17.30 6.80
CA GLN A 441 18.48 -17.27 8.27
CA GLN A 441 18.50 -17.26 8.27
C GLN A 441 17.71 -16.07 8.81
C GLN A 441 17.70 -16.07 8.81
N MET A 442 17.84 -14.92 8.16
CA MET A 442 17.06 -13.73 8.56
C MET A 442 15.55 -13.97 8.30
N ALA A 443 15.23 -14.38 7.09
CA ALA A 443 13.83 -14.60 6.78
C ALA A 443 13.19 -15.56 7.74
N LYS A 444 13.83 -16.71 7.92
CA LYS A 444 13.38 -17.73 8.88
C LYS A 444 13.23 -17.21 10.33
N SER A 445 14.23 -16.52 10.81
CA SER A 445 14.21 -16.07 12.16
C SER A 445 13.05 -15.09 12.37
N CYS A 446 12.90 -14.17 11.42
CA CYS A 446 11.79 -13.21 11.47
C CYS A 446 10.40 -13.87 11.42
N ILE A 447 10.18 -14.76 10.47
CA ILE A 447 8.85 -15.31 10.33
C ILE A 447 8.52 -16.24 11.49
N THR A 448 9.53 -16.96 11.97
CA THR A 448 9.37 -17.86 13.12
C THR A 448 8.92 -17.11 14.35
N LYS A 449 9.56 -16.03 14.66
N LYS A 449 9.61 -16.02 14.65
N LYS A 449 9.60 -16.02 14.66
CA LYS A 449 9.14 -15.22 15.75
CA LYS A 449 9.25 -15.15 15.75
CA LYS A 449 9.23 -15.16 15.77
C LYS A 449 7.83 -14.54 15.54
C LYS A 449 7.88 -14.49 15.55
C LYS A 449 7.88 -14.46 15.55
N TRP A 450 7.55 -14.11 14.31
CA TRP A 450 6.25 -13.49 14.03
C TRP A 450 5.05 -14.47 14.18
N VAL A 451 5.23 -15.69 13.69
CA VAL A 451 4.21 -16.68 13.76
C VAL A 451 3.86 -17.00 15.22
N ASN A 452 4.89 -17.17 16.06
CA ASN A 452 4.71 -17.40 17.48
C ASN A 452 3.84 -16.25 18.06
N TYR A 453 4.21 -15.04 17.65
CA TYR A 453 3.59 -13.80 18.08
C TYR A 453 2.11 -13.76 17.74
N ALA A 454 1.81 -14.05 16.46
CA ALA A 454 0.50 -13.84 15.95
C ALA A 454 -0.52 -14.88 16.50
N LEU A 455 -0.07 -16.10 16.67
CA LEU A 455 -0.93 -17.17 17.12
C LEU A 455 -1.57 -16.91 18.45
N ASP A 456 -0.98 -16.05 19.30
CA ASP A 456 -1.67 -15.64 20.56
C ASP A 456 -2.97 -14.91 20.36
N TYR A 457 -3.23 -14.37 19.15
CA TYR A 457 -4.37 -13.49 18.96
C TYR A 457 -5.33 -13.91 17.84
N ILE A 458 -5.30 -15.17 17.49
CA ILE A 458 -6.15 -15.76 16.46
C ILE A 458 -7.12 -16.68 17.19
N PHE A 459 -8.41 -16.48 16.99
CA PHE A 459 -9.43 -17.25 17.74
C PHE A 459 -10.37 -17.86 16.74
N ILE A 460 -10.54 -19.18 16.84
CA ILE A 460 -11.46 -19.94 15.96
C ILE A 460 -12.40 -20.74 16.85
N GLY A 461 -13.71 -20.50 16.70
CA GLY A 461 -14.70 -21.12 17.56
C GLY A 461 -14.72 -20.59 18.99
N SER A 462 -14.05 -19.46 19.22
N SER A 462 -14.01 -19.49 19.25
CA SER A 462 -13.95 -18.88 20.53
CA SER A 462 -13.92 -18.92 20.59
C SER A 462 -13.98 -17.42 20.32
C SER A 462 -13.82 -17.44 20.40
N ARG A 463 -14.37 -16.68 21.33
CA ARG A 463 -14.41 -15.26 21.23
C ARG A 463 -13.50 -14.69 22.30
N PRO A 464 -12.54 -13.82 21.88
CA PRO A 464 -11.67 -13.25 22.89
C PRO A 464 -12.45 -12.24 23.73
N VAL A 465 -12.03 -12.11 24.99
CA VAL A 465 -12.51 -11.08 25.85
C VAL A 465 -11.72 -9.81 25.65
N SER A 466 -12.40 -8.70 25.34
CA SER A 466 -11.76 -7.39 25.25
C SER A 466 -12.47 -6.40 26.11
N ASP A 467 -11.84 -5.29 26.42
CA ASP A 467 -12.52 -4.23 27.08
C ASP A 467 -13.02 -3.15 26.11
N GLU A 468 -13.72 -2.20 26.67
CA GLU A 468 -14.30 -1.08 25.93
C GLU A 468 -13.27 -0.26 25.12
N GLU A 469 -11.99 -0.28 25.49
CA GLU A 469 -10.97 0.48 24.78
C GLU A 469 -10.23 -0.41 23.78
N GLY A 470 -10.69 -1.65 23.57
CA GLY A 470 -10.12 -2.57 22.60
C GLY A 470 -8.97 -3.42 23.12
N TYR A 471 -8.59 -3.29 24.42
CA TYR A 471 -7.53 -4.15 24.95
C TYR A 471 -8.03 -5.58 25.12
N PHE A 472 -7.21 -6.55 24.77
CA PHE A 472 -7.43 -7.94 25.16
C PHE A 472 -7.22 -8.08 26.66
N LEU A 473 -8.07 -8.92 27.29
CA LEU A 473 -7.99 -9.20 28.75
C LEU A 473 -7.63 -10.62 28.96
N ASP A 474 -6.84 -10.84 29.99
CA ASP A 474 -6.47 -12.20 30.46
C ASP A 474 -7.56 -12.80 31.37
N ASP A 475 -7.37 -14.02 31.83
CA ASP A 475 -8.38 -14.70 32.71
C ASP A 475 -8.63 -14.02 34.05
N GLN A 476 -7.73 -13.19 34.53
CA GLN A 476 -7.97 -12.37 35.74
C GLN A 476 -8.53 -11.01 35.34
N GLY A 477 -8.92 -10.82 34.08
CA GLY A 477 -9.46 -9.52 33.66
C GLY A 477 -8.48 -8.35 33.54
N ARG A 478 -7.18 -8.65 33.50
CA ARG A 478 -6.18 -7.56 33.31
C ARG A 478 -5.88 -7.32 31.82
N ARG A 479 -5.63 -6.07 31.46
CA ARG A 479 -5.11 -5.77 30.13
C ARG A 479 -3.82 -6.49 29.80
N ILE A 480 -3.76 -7.00 28.57
CA ILE A 480 -2.57 -7.62 28.05
C ILE A 480 -1.87 -6.62 27.20
N LEU A 481 -0.74 -6.15 27.69
CA LEU A 481 -0.04 -5.02 27.08
C LEU A 481 1.24 -5.50 26.44
N GLY A 482 1.07 -6.24 25.35
CA GLY A 482 2.22 -6.87 24.67
C GLY A 482 2.85 -7.92 25.52
N GLY A 483 4.09 -8.26 25.19
CA GLY A 483 4.77 -9.38 25.84
C GLY A 483 4.58 -10.70 25.13
N THR A 484 5.56 -11.57 25.25
CA THR A 484 5.44 -12.91 24.71
C THR A 484 4.48 -13.68 25.63
N ASN A 485 4.07 -14.88 25.21
CA ASN A 485 3.25 -15.74 26.06
C ASN A 485 1.96 -15.03 26.55
N ALA A 486 1.26 -14.40 25.61
CA ALA A 486 0.04 -13.65 25.91
C ALA A 486 -1.06 -14.70 25.97
N THR A 487 -1.84 -14.71 27.07
N THR A 487 -1.94 -14.52 26.96
CA THR A 487 -2.94 -15.69 27.24
CA THR A 487 -2.84 -15.56 27.41
C THR A 487 -4.25 -14.96 27.40
C THR A 487 -4.25 -14.94 27.45
N VAL A 488 -4.90 -14.85 26.29
CA VAL A 488 -6.11 -14.06 26.17
C VAL A 488 -7.27 -14.94 26.69
N ALA A 489 -8.10 -14.35 27.54
CA ALA A 489 -9.35 -14.96 27.98
C ALA A 489 -10.32 -15.13 26.82
N THR A 490 -11.08 -16.22 26.87
N THR A 490 -10.98 -16.28 26.86
CA THR A 490 -11.80 -16.73 25.72
CA THR A 490 -11.89 -16.67 25.84
C THR A 490 -13.12 -17.45 26.14
C THR A 490 -13.24 -17.13 26.40
N THR A 491 -14.25 -17.07 25.54
CA THR A 491 -15.54 -17.82 25.74
C THR A 491 -15.89 -18.59 24.45
N SER A 492 -16.58 -19.73 24.63
CA SER A 492 -16.93 -20.61 23.53
C SER A 492 -17.82 -19.86 22.54
N ALA A 493 -17.52 -20.03 21.25
CA ALA A 493 -18.29 -19.33 20.20
C ALA A 493 -18.19 -20.08 18.86
N PRO A 494 -18.86 -21.23 18.75
CA PRO A 494 -18.75 -22.05 17.53
C PRO A 494 -19.09 -21.29 16.26
N GLY A 495 -18.34 -21.54 15.20
CA GLY A 495 -18.47 -20.81 13.95
C GLY A 495 -17.91 -19.39 13.85
N GLU A 496 -17.51 -18.78 14.96
CA GLU A 496 -16.87 -17.49 14.92
C GLU A 496 -15.35 -17.54 14.71
N PHE A 497 -14.78 -16.46 14.16
CA PHE A 497 -13.34 -16.25 14.17
C PHE A 497 -13.09 -14.82 14.56
N TRP A 498 -11.92 -14.58 15.17
CA TRP A 498 -11.51 -13.26 15.53
C TRP A 498 -10.00 -13.13 15.34
N LEU A 499 -9.64 -11.94 14.86
CA LEU A 499 -8.22 -11.59 14.59
C LEU A 499 -8.00 -10.27 15.27
N PRO A 500 -6.74 -9.90 15.46
CA PRO A 500 -6.44 -8.56 15.92
C PRO A 500 -6.58 -7.52 14.81
N GLY A 501 -6.99 -6.32 15.19
CA GLY A 501 -7.25 -5.24 14.24
C GLY A 501 -6.15 -4.18 14.18
N ASN A 502 -5.52 -3.88 15.32
CA ASN A 502 -4.52 -2.85 15.42
C ASN A 502 -3.45 -3.20 16.47
N ILE A 503 -2.36 -2.46 16.33
CA ILE A 503 -1.26 -2.46 17.26
C ILE A 503 -1.04 -1.01 17.70
N ALA A 504 -0.71 -0.85 19.00
CA ALA A 504 -0.31 0.42 19.57
C ALA A 504 1.19 0.25 19.89
N TRP A 505 2.02 1.10 19.30
CA TRP A 505 3.47 0.92 19.37
C TRP A 505 4.11 1.84 20.40
N SER A 506 5.16 1.43 21.08
CA SER A 506 5.88 2.38 21.87
C SER A 506 7.34 1.95 21.84
N GLY A 507 8.21 2.91 22.15
CA GLY A 507 9.63 2.65 22.20
C GLY A 507 10.28 2.66 20.82
N GLN A 508 11.48 2.12 20.73
CA GLN A 508 12.28 2.05 19.51
C GLN A 508 13.03 0.73 19.42
N PRO A 509 13.30 0.27 18.20
CA PRO A 509 14.38 -0.69 18.09
C PRO A 509 15.73 -0.09 18.45
N ASP A 510 16.69 -0.95 18.76
CA ASP A 510 18.06 -0.49 18.89
C ASP A 510 18.62 -0.21 17.51
N THR A 511 19.62 0.69 17.45
CA THR A 511 20.24 1.00 16.18
C THR A 511 20.82 -0.26 15.52
N TRP A 512 20.66 -0.40 14.22
CA TRP A 512 21.09 -1.61 13.52
C TRP A 512 22.59 -1.69 13.37
N ASN A 513 23.14 -2.82 13.77
CA ASN A 513 24.53 -3.14 13.52
C ASN A 513 24.76 -4.44 12.83
N GLY A 514 23.78 -4.93 12.09
CA GLY A 514 23.81 -6.26 11.53
C GLY A 514 23.14 -7.38 12.31
N PHE A 515 22.89 -8.44 11.60
CA PHE A 515 22.12 -9.58 12.10
C PHE A 515 22.88 -10.28 13.20
N GLN A 516 24.19 -10.36 13.08
CA GLN A 516 24.99 -11.01 14.13
C GLN A 516 25.01 -10.22 15.47
N SER A 517 24.60 -8.97 15.46
CA SER A 517 24.53 -8.17 16.64
C SER A 517 23.14 -7.84 17.06
N ALA A 518 22.14 -8.41 16.44
CA ALA A 518 20.78 -7.94 16.77
C ALA A 518 20.52 -8.14 18.28
N THR A 519 19.84 -7.21 18.91
CA THR A 519 19.64 -7.24 20.36
C THR A 519 18.34 -7.89 20.77
N GLY A 520 17.41 -8.08 19.84
CA GLY A 520 16.06 -8.49 20.19
C GLY A 520 15.16 -7.36 20.63
N ASN A 521 15.66 -6.11 20.54
CA ASN A 521 14.90 -4.90 20.75
C ASN A 521 14.03 -4.90 22.03
N PRO A 522 14.68 -5.04 23.20
CA PRO A 522 13.89 -5.15 24.43
C PRO A 522 13.07 -3.89 24.74
N ASN A 523 13.37 -2.75 24.09
CA ASN A 523 12.68 -1.52 24.31
C ASN A 523 11.64 -1.12 23.29
N LEU A 524 11.26 -2.06 22.42
CA LEU A 524 10.23 -1.82 21.39
C LEU A 524 9.07 -2.75 21.69
N THR A 525 7.93 -2.14 21.88
CA THR A 525 6.74 -2.87 22.29
C THR A 525 5.59 -2.68 21.38
N ALA A 526 4.98 -3.79 21.03
CA ALA A 526 3.71 -3.84 20.36
C ALA A 526 2.62 -4.28 21.30
N VAL A 527 1.60 -3.45 21.49
CA VAL A 527 0.39 -3.88 22.21
C VAL A 527 -0.65 -4.18 21.20
N THR A 528 -1.07 -5.41 21.16
CA THR A 528 -2.01 -5.84 20.13
C THR A 528 -3.41 -5.67 20.67
N LYS A 529 -4.33 -5.19 19.83
CA LYS A 529 -5.65 -4.77 20.24
C LYS A 529 -6.76 -4.95 19.17
N ASP A 530 -8.00 -4.63 19.60
CA ASP A 530 -9.13 -4.40 18.69
C ASP A 530 -9.52 -5.64 17.90
N PRO A 531 -9.99 -6.66 18.57
CA PRO A 531 -10.41 -7.87 17.83
C PRO A 531 -11.48 -7.55 16.77
N THR A 532 -11.39 -8.12 15.57
N THR A 532 -11.34 -8.13 15.58
CA THR A 532 -12.40 -7.89 14.55
CA THR A 532 -12.15 -7.84 14.39
C THR A 532 -12.41 -9.09 13.63
C THR A 532 -12.41 -9.12 13.63
N GLN A 533 -13.18 -9.02 12.54
CA GLN A 533 -13.46 -10.14 11.64
C GLN A 533 -13.13 -9.84 10.18
N ASP A 534 -11.99 -9.24 9.94
CA ASP A 534 -11.58 -8.82 8.57
C ASP A 534 -11.19 -10.01 7.71
N THR A 535 -11.92 -10.24 6.63
CA THR A 535 -11.75 -11.49 5.88
C THR A 535 -10.58 -11.35 4.94
N GLY A 536 -10.23 -10.13 4.56
CA GLY A 536 -8.98 -9.88 3.78
C GLY A 536 -7.76 -10.26 4.59
N VAL A 537 -7.72 -9.79 5.83
CA VAL A 537 -6.62 -10.09 6.70
C VAL A 537 -6.59 -11.62 6.97
N LEU A 538 -7.78 -12.26 7.10
CA LEU A 538 -7.80 -13.71 7.31
C LEU A 538 -7.12 -14.43 6.16
N GLY A 539 -7.42 -14.02 4.96
CA GLY A 539 -6.86 -14.66 3.83
C GLY A 539 -5.36 -14.50 3.72
N SER A 540 -4.87 -13.31 4.06
CA SER A 540 -3.45 -13.06 4.06
C SER A 540 -2.76 -13.87 5.16
N LEU A 541 -3.30 -13.85 6.36
CA LEU A 541 -2.75 -14.70 7.42
C LEU A 541 -2.67 -16.17 7.10
N VAL A 542 -3.75 -16.69 6.55
CA VAL A 542 -3.75 -18.11 6.14
C VAL A 542 -2.57 -18.45 5.28
N LYS A 543 -2.36 -17.64 4.25
CA LYS A 543 -1.23 -17.86 3.37
C LYS A 543 0.10 -17.73 4.12
N ALA A 544 0.19 -16.78 5.03
CA ALA A 544 1.42 -16.68 5.80
C ALA A 544 1.67 -18.01 6.56
N PHE A 545 0.63 -18.52 7.22
CA PHE A 545 0.76 -19.72 8.02
C PHE A 545 1.00 -20.93 7.15
N THR A 546 0.44 -20.92 5.95
CA THR A 546 0.53 -22.05 5.06
C THR A 546 1.93 -22.20 4.50
N PHE A 547 2.43 -21.08 3.93
CA PHE A 547 3.74 -21.07 3.37
C PHE A 547 4.77 -21.33 4.50
N PHE A 548 4.59 -20.78 5.66
CA PHE A 548 5.54 -21.05 6.79
C PHE A 548 5.54 -22.54 7.10
N ALA A 549 4.36 -23.13 7.25
CA ALA A 549 4.30 -24.60 7.56
C ALA A 549 5.00 -25.43 6.50
N ALA A 550 4.66 -25.13 5.26
CA ALA A 550 5.21 -25.84 4.19
C ALA A 550 6.73 -25.75 4.16
N ALA A 551 7.24 -24.55 4.39
CA ALA A 551 8.71 -24.36 4.44
C ALA A 551 9.35 -25.25 5.53
N THR A 552 8.71 -25.35 6.69
CA THR A 552 9.30 -26.10 7.81
C THR A 552 9.43 -27.58 7.43
N LYS A 553 8.44 -28.11 6.70
N LYS A 553 8.46 -28.11 6.70
CA LYS A 553 8.47 -29.47 6.23
CA LYS A 553 8.54 -29.49 6.26
C LYS A 553 9.50 -29.70 5.14
C LYS A 553 9.52 -29.70 5.13
N LEU A 554 9.63 -28.77 4.20
CA LEU A 554 10.72 -28.88 3.22
C LEU A 554 12.09 -28.84 3.90
N GLU A 555 12.22 -28.03 4.94
CA GLU A 555 13.50 -27.91 5.60
C GLU A 555 13.92 -29.18 6.36
N THR A 556 13.00 -29.75 7.14
CA THR A 556 13.28 -30.76 8.14
C THR A 556 12.74 -32.12 7.81
N GLY A 557 11.81 -32.18 6.86
CA GLY A 557 11.16 -33.45 6.48
C GLY A 557 9.80 -33.59 7.14
N ASN A 558 9.50 -32.81 8.18
CA ASN A 558 8.22 -32.83 8.83
C ASN A 558 7.85 -31.43 9.27
N TYR A 559 6.56 -31.23 9.51
CA TYR A 559 6.11 -29.99 10.14
C TYR A 559 6.83 -29.86 11.49
N THR A 560 7.44 -28.73 11.75
CA THR A 560 8.05 -28.49 13.05
C THR A 560 6.94 -28.23 14.07
N ALA A 561 7.30 -28.07 15.32
CA ALA A 561 6.34 -27.78 16.37
C ALA A 561 5.46 -26.55 15.98
N LEU A 562 6.12 -25.46 15.61
CA LEU A 562 5.39 -24.27 15.24
C LEU A 562 4.73 -24.46 13.87
N GLY A 563 5.37 -25.21 13.00
CA GLY A 563 4.83 -25.49 11.70
C GLY A 563 3.48 -26.21 11.80
N VAL A 564 3.38 -27.15 12.71
CA VAL A 564 2.10 -27.83 12.96
C VAL A 564 1.06 -26.88 13.41
N ARG A 565 1.42 -26.04 14.38
CA ARG A 565 0.41 -25.07 14.84
C ARG A 565 -0.04 -24.11 13.72
N ALA A 566 0.86 -23.74 12.83
CA ALA A 566 0.52 -22.81 11.79
C ALA A 566 -0.37 -23.48 10.77
N LYS A 567 -0.04 -24.71 10.38
CA LYS A 567 -0.89 -25.47 9.50
C LYS A 567 -2.31 -25.62 10.03
N ASP A 568 -2.43 -25.96 11.32
CA ASP A 568 -3.74 -26.23 11.96
C ASP A 568 -4.55 -24.94 12.03
N ALA A 569 -3.90 -23.85 12.45
CA ALA A 569 -4.55 -22.56 12.37
C ALA A 569 -5.03 -22.20 10.95
N ALA A 570 -4.21 -22.45 9.96
CA ALA A 570 -4.58 -22.18 8.59
C ALA A 570 -5.87 -22.96 8.17
N ALA A 571 -5.87 -24.25 8.47
CA ALA A 571 -6.94 -25.15 8.10
C ALA A 571 -8.16 -24.77 8.81
N GLN A 572 -8.03 -24.33 10.03
CA GLN A 572 -9.21 -24.01 10.79
C GLN A 572 -9.83 -22.70 10.38
N LEU A 573 -8.99 -21.72 10.05
CA LEU A 573 -9.49 -20.46 9.57
C LEU A 573 -10.20 -20.63 8.23
N LEU A 574 -9.63 -21.43 7.35
CA LEU A 574 -10.26 -21.69 6.06
C LEU A 574 -11.61 -22.37 6.27
N GLU A 575 -11.71 -23.23 7.29
CA GLU A 575 -12.96 -24.02 7.53
C GLU A 575 -14.08 -23.08 8.04
N VAL A 576 -13.77 -22.27 9.01
CA VAL A 576 -14.74 -21.35 9.54
C VAL A 576 -15.12 -20.22 8.53
N ALA A 577 -14.16 -19.81 7.70
CA ALA A 577 -14.37 -18.68 6.84
C ALA A 577 -15.43 -19.04 5.81
N TRP A 578 -15.48 -20.33 5.44
CA TRP A 578 -16.35 -20.73 4.39
C TRP A 578 -17.82 -20.42 4.71
N ASN A 579 -18.20 -20.46 5.98
CA ASN A 579 -19.55 -20.10 6.35
C ASN A 579 -19.93 -18.67 6.10
N TYR A 580 -18.95 -17.79 5.89
CA TYR A 580 -19.25 -16.38 5.69
C TYR A 580 -19.37 -16.05 4.21
N ASN A 581 -19.29 -17.04 3.33
CA ASN A 581 -19.60 -16.78 1.93
C ASN A 581 -21.10 -16.48 1.79
N ASP A 582 -21.41 -15.35 1.15
CA ASP A 582 -22.77 -14.96 0.94
C ASP A 582 -23.14 -15.27 -0.51
N GLY A 583 -22.32 -15.98 -1.29
CA GLY A 583 -22.55 -16.19 -2.73
C GLY A 583 -21.85 -15.17 -3.62
N VAL A 584 -21.38 -14.07 -3.04
CA VAL A 584 -20.63 -13.10 -3.80
C VAL A 584 -19.20 -12.97 -3.27
N GLY A 585 -19.09 -12.93 -1.96
CA GLY A 585 -17.79 -13.12 -1.32
C GLY A 585 -17.92 -13.51 0.14
N ILE A 586 -16.75 -13.78 0.72
CA ILE A 586 -16.64 -14.12 2.12
C ILE A 586 -16.53 -12.85 2.90
N VAL A 587 -17.56 -12.55 3.65
CA VAL A 587 -17.71 -11.21 4.19
C VAL A 587 -18.24 -11.22 5.58
N THR A 588 -18.03 -10.12 6.28
CA THR A 588 -18.55 -9.87 7.59
C THR A 588 -18.96 -8.43 7.73
N GLU A 589 -19.74 -8.17 8.76
CA GLU A 589 -20.18 -6.86 8.99
C GLU A 589 -19.13 -6.06 9.78
N GLU A 590 -18.95 -4.75 9.49
CA GLU A 590 -17.93 -3.95 10.15
C GLU A 590 -18.54 -2.64 10.57
N GLU A 591 -18.18 -2.18 11.77
CA GLU A 591 -18.64 -0.86 12.23
C GLU A 591 -17.64 0.18 11.75
N ARG A 592 -18.10 1.34 11.36
CA ARG A 592 -17.22 2.39 10.84
C ARG A 592 -17.48 3.66 11.62
N GLU A 593 -16.89 3.73 12.80
CA GLU A 593 -16.96 4.93 13.66
C GLU A 593 -16.28 6.11 13.02
N ASP A 594 -15.49 5.87 11.99
CA ASP A 594 -14.79 6.94 11.31
C ASP A 594 -15.66 7.70 10.38
N TYR A 595 -16.84 7.19 10.09
CA TYR A 595 -17.72 7.79 9.09
C TYR A 595 -18.40 9.10 9.50
N ASP A 596 -18.15 9.61 10.71
CA ASP A 596 -18.42 10.99 10.95
C ASP A 596 -17.60 11.91 10.06
N ARG A 597 -16.46 11.41 9.55
CA ARG A 597 -15.55 12.23 8.76
C ARG A 597 -16.04 12.54 7.33
N PHE A 598 -17.13 11.89 6.88
CA PHE A 598 -17.87 12.33 5.75
C PHE A 598 -18.42 13.76 5.94
N PHE A 599 -18.71 14.15 7.19
CA PHE A 599 -19.47 15.37 7.48
C PHE A 599 -18.64 16.42 8.15
N LYS A 600 -17.55 16.05 8.81
CA LYS A 600 -16.71 17.00 9.47
C LYS A 600 -16.04 18.01 8.57
N LYS A 601 -16.01 19.27 9.00
CA LYS A 601 -15.31 20.30 8.25
C LYS A 601 -13.82 20.30 8.54
N GLU A 602 -13.10 19.60 7.66
CA GLU A 602 -11.68 19.44 7.81
C GLU A 602 -10.90 19.32 6.51
N VAL A 603 -11.48 19.74 5.38
CA VAL A 603 -10.80 19.74 4.09
C VAL A 603 -10.27 21.13 3.84
N TYR A 604 -8.95 21.30 3.91
CA TYR A 604 -8.36 22.63 3.91
C TYR A 604 -8.25 23.24 2.50
N PHE A 605 -8.60 24.50 2.36
CA PHE A 605 -8.26 25.32 1.20
C PHE A 605 -7.55 26.61 1.67
N PRO A 606 -6.48 27.03 0.94
CA PRO A 606 -5.85 28.29 1.28
C PRO A 606 -6.74 29.45 1.05
N ASN A 607 -6.41 30.55 1.72
CA ASN A 607 -7.16 31.76 1.50
C ASN A 607 -7.00 32.19 0.04
N GLY A 608 -8.03 32.84 -0.48
CA GLY A 608 -7.87 33.47 -1.77
C GLY A 608 -7.95 32.46 -2.91
N TRP A 609 -8.30 31.21 -2.67
CA TRP A 609 -8.33 30.24 -3.72
C TRP A 609 -9.78 29.82 -3.95
N ASN A 610 -10.26 29.99 -5.18
N ASN A 610 -10.24 29.94 -5.19
CA ASN A 610 -11.57 29.50 -5.58
CA ASN A 610 -11.58 29.52 -5.53
C ASN A 610 -11.44 28.82 -6.94
C ASN A 610 -11.53 28.90 -6.95
N GLY A 611 -12.20 27.76 -7.13
CA GLY A 611 -12.20 27.11 -8.40
C GLY A 611 -13.32 26.13 -8.53
N THR A 612 -13.22 25.29 -9.56
CA THR A 612 -14.30 24.38 -9.84
C THR A 612 -13.85 22.94 -9.65
N PHE A 613 -14.61 22.15 -8.91
CA PHE A 613 -14.35 20.77 -8.74
C PHE A 613 -14.85 20.03 -9.95
N GLY A 614 -14.35 18.81 -10.13
CA GLY A 614 -14.76 17.96 -11.23
C GLY A 614 -16.27 17.79 -11.38
N GLN A 615 -16.95 17.66 -10.25
CA GLN A 615 -18.38 17.44 -10.26
C GLN A 615 -19.20 18.74 -10.58
N GLY A 616 -18.49 19.85 -10.77
CA GLY A 616 -19.11 21.12 -11.17
C GLY A 616 -19.32 22.18 -10.10
N ASN A 617 -19.12 21.79 -8.85
CA ASN A 617 -19.33 22.67 -7.73
C ASN A 617 -18.14 23.62 -7.50
N GLN A 618 -18.50 24.85 -7.12
CA GLN A 618 -17.53 25.81 -6.69
C GLN A 618 -16.88 25.34 -5.35
N ILE A 619 -15.55 25.49 -5.28
CA ILE A 619 -14.79 25.01 -4.11
C ILE A 619 -13.80 26.08 -3.73
N PRO A 620 -13.62 26.36 -2.42
CA PRO A 620 -14.23 25.60 -1.34
C PRO A 620 -15.71 25.86 -1.22
N GLY A 621 -16.19 26.93 -1.85
CA GLY A 621 -17.64 27.24 -1.73
C GLY A 621 -17.94 27.90 -0.37
N SER A 622 -19.23 28.02 -0.02
CA SER A 622 -19.64 28.81 1.16
C SER A 622 -19.76 27.98 2.44
N SER A 623 -19.70 26.66 2.35
CA SER A 623 -19.94 25.84 3.52
C SER A 623 -18.60 25.55 4.26
N THR A 624 -18.10 26.54 4.97
CA THR A 624 -16.77 26.44 5.52
C THR A 624 -16.66 26.98 6.93
N ILE A 625 -15.54 26.66 7.56
CA ILE A 625 -15.12 27.27 8.81
C ILE A 625 -13.67 27.67 8.64
N PRO A 626 -13.19 28.60 9.47
CA PRO A 626 -11.79 28.96 9.36
C PRO A 626 -10.93 27.82 9.79
N SER A 627 -9.74 27.70 9.17
CA SER A 627 -8.77 26.67 9.55
C SER A 627 -8.25 26.92 10.95
N ASP A 628 -7.68 25.90 11.57
CA ASP A 628 -7.19 25.99 12.93
C ASP A 628 -5.82 26.71 12.93
N PRO A 629 -5.75 27.87 13.60
CA PRO A 629 -4.50 28.63 13.62
C PRO A 629 -3.31 27.86 14.22
N GLN A 630 -3.60 26.92 15.09
CA GLN A 630 -2.54 26.06 15.57
C GLN A 630 -1.89 25.13 14.52
N ARG A 631 -2.55 24.88 13.40
CA ARG A 631 -1.98 24.08 12.33
C ARG A 631 -1.17 24.89 11.34
N GLY A 632 -1.07 26.22 11.56
CA GLY A 632 -0.09 27.06 10.90
C GLY A 632 -0.50 27.56 9.53
N GLY A 633 -1.77 27.44 9.19
CA GLY A 633 -2.23 27.87 7.86
C GLY A 633 -3.07 29.12 7.99
N ASN A 634 -3.62 29.60 6.87
N ASN A 634 -3.82 29.37 6.91
CA ASN A 634 -4.69 30.57 6.96
CA ASN A 634 -4.51 30.61 6.68
C ASN A 634 -5.58 30.47 5.73
C ASN A 634 -5.55 30.36 5.58
N GLY A 635 -6.71 29.83 5.95
CA GLY A 635 -7.58 29.31 4.94
C GLY A 635 -8.81 28.81 5.65
N VAL A 636 -9.47 27.88 5.04
CA VAL A 636 -10.76 27.40 5.49
C VAL A 636 -10.86 25.88 5.41
N TYR A 637 -11.85 25.31 6.08
CA TYR A 637 -12.22 23.92 5.94
C TYR A 637 -13.63 23.77 5.38
N THR A 638 -13.78 22.94 4.35
CA THR A 638 -15.11 22.42 3.92
C THR A 638 -15.15 20.96 4.36
N SER A 639 -16.24 20.24 4.02
CA SER A 639 -16.34 18.81 4.38
C SER A 639 -16.14 17.93 3.13
N PHE A 640 -15.87 16.65 3.38
CA PHE A 640 -15.69 15.63 2.33
C PHE A 640 -16.95 15.61 1.45
N ALA A 641 -18.10 15.57 2.11
CA ALA A 641 -19.38 15.52 1.42
C ALA A 641 -19.74 16.76 0.62
N ASP A 642 -19.44 17.95 1.13
CA ASP A 642 -19.70 19.17 0.40
C ASP A 642 -18.79 19.25 -0.83
N LEU A 643 -17.56 18.76 -0.69
CA LEU A 643 -16.61 18.75 -1.80
C LEU A 643 -17.08 17.83 -2.92
N ARG A 644 -17.75 16.75 -2.55
CA ARG A 644 -18.21 15.71 -3.49
C ARG A 644 -19.72 15.61 -3.50
N PRO A 645 -20.37 16.62 -4.04
CA PRO A 645 -21.84 16.64 -3.93
C PRO A 645 -22.53 15.46 -4.60
N ASN A 646 -21.90 14.88 -5.61
CA ASN A 646 -22.54 13.67 -6.19
C ASN A 646 -22.63 12.48 -5.24
N ILE A 647 -21.90 12.47 -4.13
N ILE A 647 -21.88 12.47 -4.14
CA ILE A 647 -22.09 11.42 -3.16
CA ILE A 647 -22.06 11.46 -3.10
C ILE A 647 -23.52 11.34 -2.59
C ILE A 647 -23.48 11.37 -2.54
N LYS A 648 -24.26 12.46 -2.64
CA LYS A 648 -25.64 12.49 -2.14
C LYS A 648 -26.60 11.80 -3.08
N GLN A 649 -26.18 11.49 -4.29
CA GLN A 649 -26.92 10.62 -5.15
C GLN A 649 -26.65 9.13 -4.85
N ASP A 650 -25.66 8.74 -4.03
CA ASP A 650 -25.40 7.34 -3.71
C ASP A 650 -26.62 6.71 -2.97
N PRO A 651 -26.95 5.47 -3.28
CA PRO A 651 -28.08 4.78 -2.67
C PRO A 651 -27.93 4.55 -1.23
N ALA A 652 -26.71 4.40 -0.78
CA ALA A 652 -26.50 4.30 0.62
C ALA A 652 -26.40 5.64 1.38
N TRP A 653 -26.40 6.78 0.70
CA TRP A 653 -26.14 8.08 1.42
C TRP A 653 -27.20 8.38 2.52
N SER A 654 -28.45 8.31 2.09
CA SER A 654 -29.58 8.41 2.99
C SER A 654 -29.46 7.76 4.32
N SER A 655 -29.18 6.48 4.36
CA SER A 655 -29.11 5.80 5.65
C SER A 655 -27.91 6.29 6.45
N LEU A 656 -26.81 6.61 5.75
CA LEU A 656 -25.63 7.07 6.47
C LEU A 656 -25.98 8.44 7.09
N GLU A 657 -26.57 9.33 6.30
CA GLU A 657 -26.85 10.62 6.83
C GLU A 657 -27.86 10.55 8.03
N SER A 658 -28.84 9.70 7.92
CA SER A 658 -29.82 9.66 8.98
C SER A 658 -29.22 9.00 10.22
N LYS A 659 -28.40 7.99 10.04
CA LYS A 659 -27.59 7.43 11.17
C LYS A 659 -26.68 8.43 11.82
N TYR A 660 -25.99 9.27 11.04
CA TYR A 660 -25.21 10.37 11.60
C TYR A 660 -26.09 11.30 12.49
N GLN A 661 -27.21 11.71 11.90
CA GLN A 661 -28.16 12.65 12.56
C GLN A 661 -28.78 12.11 13.80
N SER A 662 -29.08 10.83 13.80
CA SER A 662 -29.65 10.19 14.96
C SER A 662 -28.65 9.63 15.95
N SER A 663 -27.39 9.37 15.61
CA SER A 663 -26.49 8.72 16.61
C SER A 663 -25.28 9.52 16.98
N PHE A 664 -24.78 10.37 16.08
CA PHE A 664 -23.52 11.06 16.34
C PHE A 664 -23.74 12.39 17.08
N ASN A 665 -22.98 12.52 18.17
CA ASN A 665 -22.89 13.73 18.96
C ASN A 665 -21.72 14.58 18.54
N GLU A 666 -22.01 15.66 17.82
N GLU A 666 -22.01 15.66 17.80
CA GLU A 666 -20.95 16.59 17.38
CA GLU A 666 -20.99 16.63 17.36
C GLU A 666 -20.21 17.26 18.53
C GLU A 666 -20.22 17.25 18.52
N ALA A 667 -20.91 17.48 19.64
CA ALA A 667 -20.28 18.06 20.84
C ALA A 667 -19.20 17.16 21.46
N THR A 668 -19.51 15.90 21.71
CA THR A 668 -18.52 14.98 22.27
C THR A 668 -17.70 14.22 21.25
N GLY A 669 -18.07 14.28 19.99
CA GLY A 669 -17.32 13.53 18.99
C GLY A 669 -17.52 12.02 19.09
N LYS A 670 -18.67 11.57 19.62
CA LYS A 670 -18.93 10.16 19.87
C LYS A 670 -20.23 9.68 19.26
N TRP A 671 -20.22 8.44 18.76
CA TRP A 671 -21.47 7.80 18.34
C TRP A 671 -22.17 7.27 19.58
N GLU A 672 -23.36 7.75 19.89
CA GLU A 672 -24.05 7.38 21.17
C GLU A 672 -25.05 6.20 21.02
N ASN A 673 -25.62 6.02 19.84
CA ASN A 673 -26.57 4.97 19.58
C ASN A 673 -26.10 4.05 18.54
N GLY A 674 -24.86 3.62 18.66
CA GLY A 674 -24.26 2.77 17.64
C GLY A 674 -23.74 3.49 16.40
N ALA A 675 -22.68 2.89 15.81
CA ALA A 675 -21.99 3.45 14.67
C ALA A 675 -22.50 2.83 13.37
N PRO A 676 -22.26 3.51 12.25
CA PRO A 676 -22.68 2.93 10.97
C PRO A 676 -22.08 1.56 10.71
N VAL A 677 -22.83 0.74 10.01
CA VAL A 677 -22.48 -0.63 9.83
C VAL A 677 -22.61 -0.98 8.37
N PHE A 678 -21.63 -1.76 7.88
CA PHE A 678 -21.51 -2.12 6.45
C PHE A 678 -21.02 -3.53 6.25
N THR A 679 -21.40 -4.12 5.13
CA THR A 679 -20.83 -5.43 4.71
C THR A 679 -20.25 -5.24 3.32
N TYR A 680 -18.93 -5.23 3.25
CA TYR A 680 -18.26 -4.80 2.00
C TYR A 680 -17.68 -5.98 1.27
N HIS A 681 -17.70 -5.90 -0.05
CA HIS A 681 -17.11 -6.94 -0.89
C HIS A 681 -15.93 -6.23 -1.58
N ARG A 682 -14.77 -6.27 -0.93
CA ARG A 682 -13.57 -5.63 -1.45
C ARG A 682 -12.85 -6.54 -2.42
N PHE A 683 -12.44 -6.03 -3.57
CA PHE A 683 -11.70 -6.90 -4.50
C PHE A 683 -10.45 -7.60 -3.84
N TRP A 684 -9.56 -6.80 -3.25
CA TRP A 684 -8.30 -7.37 -2.77
C TRP A 684 -8.61 -8.40 -1.71
N SER A 685 -9.61 -8.12 -0.88
CA SER A 685 -9.92 -8.99 0.24
C SER A 685 -10.40 -10.37 -0.26
N GLN A 686 -11.19 -10.36 -1.33
CA GLN A 686 -11.73 -11.59 -1.84
C GLN A 686 -10.67 -12.33 -2.59
N VAL A 687 -9.71 -11.63 -3.21
CA VAL A 687 -8.57 -12.32 -3.78
C VAL A 687 -7.72 -12.94 -2.71
N ASP A 688 -7.48 -12.23 -1.61
CA ASP A 688 -6.67 -12.78 -0.56
C ASP A 688 -7.36 -14.05 0.02
N MET A 689 -8.69 -14.05 0.14
CA MET A 689 -9.43 -15.29 0.56
C MET A 689 -9.35 -16.36 -0.52
N ALA A 690 -9.59 -16.02 -1.80
CA ALA A 690 -9.50 -17.06 -2.84
C ALA A 690 -8.12 -17.73 -2.89
N THR A 691 -7.06 -16.94 -2.92
CA THR A 691 -5.73 -17.47 -3.00
C THR A 691 -5.33 -18.26 -1.78
N ALA A 692 -5.93 -17.97 -0.66
CA ALA A 692 -5.69 -18.74 0.54
C ALA A 692 -6.13 -20.25 0.42
N TYR A 693 -7.37 -20.47 -0.04
CA TYR A 693 -7.83 -21.83 -0.39
C TYR A 693 -6.94 -22.45 -1.44
N ALA A 694 -6.55 -21.67 -2.47
CA ALA A 694 -5.68 -22.21 -3.51
C ALA A 694 -4.34 -22.74 -3.03
N GLU A 695 -3.66 -21.93 -2.24
CA GLU A 695 -2.32 -22.26 -1.80
C GLU A 695 -2.33 -23.30 -0.71
N TYR A 696 -3.33 -23.34 0.15
CA TYR A 696 -3.42 -24.41 1.11
C TYR A 696 -3.52 -25.75 0.29
N HIS A 697 -4.35 -25.76 -0.76
CA HIS A 697 -4.41 -26.93 -1.60
C HIS A 697 -3.07 -27.28 -2.22
N ARG A 698 -2.36 -26.30 -2.76
CA ARG A 698 -1.17 -26.56 -3.49
C ARG A 698 0.00 -26.99 -2.58
N LEU A 699 0.11 -26.40 -1.40
CA LEU A 699 1.28 -26.60 -0.57
C LEU A 699 1.09 -27.68 0.48
N ILE A 700 -0.12 -27.87 0.97
CA ILE A 700 -0.33 -28.75 2.11
C ILE A 700 -1.09 -30.02 1.63
N ASN A 701 -2.24 -29.85 0.97
CA ASN A 701 -3.02 -31.01 0.46
C ASN A 701 -2.15 -31.86 -0.51
N LEU A 702 -1.50 -31.24 -1.49
CA LEU A 702 -0.52 -31.94 -2.36
C LEU A 702 0.92 -31.77 -1.84
#